data_5ED4
#
_entry.id   5ED4
#
_cell.length_a   92.240
_cell.length_b   98.176
_cell.length_c   167.888
_cell.angle_alpha   90.000
_cell.angle_beta   90.000
_cell.angle_gamma   90.000
#
_symmetry.space_group_name_H-M   'P 21 21 21'
#
loop_
_entity.id
_entity.type
_entity.pdbx_description
1 polymer 'Response regulator'
2 polymer 'DNA (26-MER)'
3 polymer 'DNA (26-MER)'
4 non-polymer 'CALCIUM ION'
5 non-polymer 1,2-ETHANEDIOL
6 non-polymer 'CACODYLATE ION'
7 water water
#
loop_
_entity_poly.entity_id
_entity_poly.type
_entity_poly.pdbx_seq_one_letter_code
_entity_poly.pdbx_strand_id
1 'polypeptide(L)'
;GTHMRKGVDLVTAGTPGENTTPEARVLVVDDEANIVELLSVSLKFQGFEVYTATNGAQALDRARETRPDAVILDVMMPGM
DGFGVLRRLRADGIDAPALFLTARDSLQDKIAGLTLGGDDYVTKPFSLEEVVARLRVILRRAGKGNKEPRNVRLTFADIE
LDEETHEVWKAGQPVSLSPTEFTLLRYFVINAGTVLSKPKILDHVWRYDFGGDVNVVESYVSYLRRKIDTGEKRLLHTLR
GVGYVLREPR
;
A,B,E,F
2 'polydeoxyribonucleotide'
;(DG)(DA)(DT)(DT)(DC)(DA)(DC)(DA)(DG)(DC)(DT)(DG)(DA)(DT)(DT)(DC)(DA)(DC)(DA)(DG)
(DC)(DA)(DT)(DC)(DT)(DA)
;
C,G
3 'polydeoxyribonucleotide'
;(DC)(DT)(DA)(DG)(DA)(DT)(DG)(DC)(DT)(DG)(DT)(DG)(DA)(DA)(DT)(DC)(DA)(DG)(DC)(DT)
(DG)(DT)(DG)(DA)(DA)(DT)
;
D,H
#
loop_
_chem_comp.id
_chem_comp.type
_chem_comp.name
_chem_comp.formula
CA non-polymer 'CALCIUM ION' 'Ca 2'
CAC non-polymer 'CACODYLATE ION' 'C2 H6 As O2 -1'
DA DNA linking 2'-DEOXYADENOSINE-5'-MONOPHOSPHATE 'C10 H14 N5 O6 P'
DC DNA linking 2'-DEOXYCYTIDINE-5'-MONOPHOSPHATE 'C9 H14 N3 O7 P'
DG DNA linking 2'-DEOXYGUANOSINE-5'-MONOPHOSPHATE 'C10 H14 N5 O7 P'
DT DNA linking THYMIDINE-5'-MONOPHOSPHATE 'C10 H15 N2 O8 P'
EDO non-polymer 1,2-ETHANEDIOL 'C2 H6 O2'
#
# COMPACT_ATOMS: atom_id res chain seq x y z
N THR A 21 -5.75 20.68 8.61
CA THR A 21 -5.35 21.58 9.70
C THR A 21 -3.93 22.15 9.47
N PRO A 22 -3.72 23.48 9.62
CA PRO A 22 -2.39 24.05 9.37
C PRO A 22 -1.33 23.72 10.43
N GLU A 23 -0.05 23.67 10.01
CA GLU A 23 1.08 23.43 10.90
C GLU A 23 1.14 24.58 11.97
N ALA A 24 0.92 25.86 11.53
CA ALA A 24 0.85 27.08 12.36
C ALA A 24 0.32 28.26 11.56
N ARG A 25 -0.05 29.38 12.23
CA ARG A 25 -0.47 30.62 11.58
C ARG A 25 0.79 31.52 11.52
N VAL A 26 1.18 31.98 10.32
CA VAL A 26 2.38 32.80 10.20
C VAL A 26 2.05 34.17 9.63
N LEU A 27 2.61 35.22 10.23
CA LEU A 27 2.44 36.57 9.70
C LEU A 27 3.79 36.99 9.03
N VAL A 28 3.74 37.31 7.74
CA VAL A 28 4.89 37.73 6.95
C VAL A 28 4.77 39.23 6.67
N VAL A 29 5.78 40.00 7.11
CA VAL A 29 5.85 41.46 6.95
C VAL A 29 7.15 41.84 6.23
N ASP A 30 7.03 42.47 5.07
CA ASP A 30 8.12 42.97 4.24
C ASP A 30 7.50 43.99 3.30
N ASP A 31 8.24 45.06 2.95
CA ASP A 31 7.83 46.15 2.05
C ASP A 31 7.85 45.78 0.54
N GLU A 32 8.58 44.71 0.18
CA GLU A 32 8.65 44.22 -1.21
C GLU A 32 7.67 43.05 -1.42
N ALA A 33 6.66 43.32 -2.28
CA ALA A 33 5.57 42.39 -2.67
C ALA A 33 6.02 41.03 -3.09
N ASN A 34 7.12 40.94 -3.87
CA ASN A 34 7.56 39.65 -4.36
C ASN A 34 8.34 38.85 -3.30
N ILE A 35 8.85 39.49 -2.24
CA ILE A 35 9.50 38.78 -1.12
C ILE A 35 8.40 38.11 -0.30
N VAL A 36 7.35 38.89 -0.01
CA VAL A 36 6.13 38.44 0.67
C VAL A 36 5.56 37.20 -0.09
N GLU A 37 5.44 37.30 -1.43
CA GLU A 37 4.88 36.24 -2.27
C GLU A 37 5.78 34.99 -2.29
N LEU A 38 7.09 35.21 -2.34
CA LEU A 38 8.09 34.15 -2.32
C LEU A 38 7.92 33.37 -1.01
N LEU A 39 7.76 34.11 0.11
CA LEU A 39 7.60 33.53 1.43
C LEU A 39 6.27 32.84 1.59
N SER A 40 5.20 33.54 1.25
CA SER A 40 3.80 33.10 1.31
C SER A 40 3.57 31.77 0.62
N VAL A 41 3.96 31.67 -0.66
CA VAL A 41 3.79 30.49 -1.51
C VAL A 41 4.49 29.27 -0.92
N SER A 42 5.74 29.48 -0.50
CA SER A 42 6.55 28.43 0.08
C SER A 42 5.99 27.90 1.39
N LEU A 43 5.56 28.82 2.28
CA LEU A 43 5.02 28.41 3.56
C LEU A 43 3.65 27.79 3.41
N LYS A 44 2.83 28.27 2.44
CA LYS A 44 1.50 27.69 2.17
C LYS A 44 1.65 26.28 1.66
N PHE A 45 2.63 26.07 0.75
CA PHE A 45 2.91 24.75 0.19
C PHE A 45 3.42 23.76 1.26
N GLN A 46 4.09 24.26 2.30
CA GLN A 46 4.64 23.50 3.44
C GLN A 46 3.58 23.20 4.56
N GLY A 47 2.36 23.70 4.40
CA GLY A 47 1.26 23.46 5.34
C GLY A 47 0.98 24.55 6.36
N PHE A 48 1.49 25.79 6.13
CA PHE A 48 1.24 26.93 7.00
C PHE A 48 0.11 27.77 6.46
N GLU A 49 -0.59 28.45 7.40
CA GLU A 49 -1.68 29.40 7.20
C GLU A 49 -0.95 30.75 7.18
N VAL A 50 -0.83 31.38 6.00
CA VAL A 50 -0.03 32.60 5.84
C VAL A 50 -0.88 33.88 5.68
N TYR A 51 -0.61 34.86 6.55
CA TYR A 51 -1.20 36.19 6.50
C TYR A 51 -0.04 37.14 6.20
N THR A 52 -0.31 38.21 5.47
CA THR A 52 0.73 39.13 5.03
C THR A 52 0.44 40.60 5.31
N ALA A 53 1.53 41.41 5.31
CA ALA A 53 1.49 42.86 5.47
C ALA A 53 2.72 43.49 4.87
N THR A 54 2.58 44.73 4.38
CA THR A 54 3.67 45.48 3.75
C THR A 54 4.19 46.63 4.62
N ASN A 55 3.59 46.83 5.81
CA ASN A 55 3.91 47.93 6.74
C ASN A 55 3.46 47.57 8.14
N GLY A 56 3.84 48.39 9.12
CA GLY A 56 3.54 48.18 10.54
C GLY A 56 2.09 48.30 10.97
N ALA A 57 1.32 49.16 10.28
CA ALA A 57 -0.12 49.37 10.57
C ALA A 57 -0.89 48.12 10.14
N GLN A 58 -0.74 47.65 8.87
CA GLN A 58 -1.38 46.41 8.39
C GLN A 58 -0.93 45.27 9.31
N ALA A 59 0.39 45.17 9.57
CA ALA A 59 0.98 44.16 10.46
C ALA A 59 0.23 44.04 11.78
N LEU A 60 -0.02 45.20 12.48
CA LEU A 60 -0.72 45.24 13.76
C LEU A 60 -2.20 44.82 13.61
N ASP A 61 -2.79 45.17 12.47
CA ASP A 61 -4.17 44.86 12.13
C ASP A 61 -4.32 43.34 11.92
N ARG A 62 -3.44 42.73 11.09
CA ARG A 62 -3.46 41.30 10.83
C ARG A 62 -3.24 40.55 12.14
N ALA A 63 -2.22 40.95 12.92
CA ALA A 63 -1.87 40.26 14.18
C ALA A 63 -3.06 40.26 15.18
N ARG A 64 -3.85 41.35 15.21
CA ARG A 64 -5.02 41.50 16.07
C ARG A 64 -6.17 40.58 15.63
N GLU A 65 -6.34 40.39 14.31
CA GLU A 65 -7.40 39.56 13.73
C GLU A 65 -7.05 38.06 13.64
N THR A 66 -5.80 37.75 13.30
CA THR A 66 -5.37 36.38 13.05
C THR A 66 -4.68 35.69 14.20
N ARG A 67 -4.01 36.45 15.09
CA ARG A 67 -3.21 35.95 16.21
C ARG A 67 -2.18 34.90 15.71
N PRO A 68 -1.08 35.37 15.06
CA PRO A 68 -0.11 34.44 14.49
C PRO A 68 0.68 33.64 15.53
N ASP A 69 1.18 32.48 15.14
CA ASP A 69 2.00 31.64 16.02
C ASP A 69 3.49 32.06 15.92
N ALA A 70 3.88 32.67 14.81
CA ALA A 70 5.20 33.20 14.54
C ALA A 70 5.02 34.37 13.60
N VAL A 71 6.00 35.26 13.59
CA VAL A 71 6.04 36.43 12.74
C VAL A 71 7.40 36.46 12.00
N ILE A 72 7.39 36.80 10.72
CA ILE A 72 8.60 36.90 9.89
C ILE A 72 8.60 38.32 9.44
N LEU A 73 9.63 39.06 9.92
CA LEU A 73 9.76 40.49 9.73
C LEU A 73 11.01 40.88 8.97
N ASP A 74 10.83 41.67 7.91
CA ASP A 74 11.93 42.25 7.18
C ASP A 74 12.46 43.38 8.06
N VAL A 75 13.76 43.41 8.31
CA VAL A 75 14.34 44.45 9.17
C VAL A 75 14.34 45.81 8.46
N MET A 76 15.00 45.91 7.28
CA MET A 76 15.08 47.16 6.54
C MET A 76 13.78 47.45 5.79
N MET A 77 12.94 48.30 6.38
CA MET A 77 11.67 48.76 5.80
C MET A 77 11.47 50.28 6.01
N PRO A 78 10.88 50.99 5.06
CA PRO A 78 10.66 52.43 5.25
C PRO A 78 9.54 52.72 6.24
N GLY A 79 9.57 53.90 6.86
CA GLY A 79 8.56 54.32 7.81
C GLY A 79 8.85 53.75 9.18
N MET A 80 8.83 52.43 9.31
CA MET A 80 9.08 51.70 10.52
C MET A 80 9.78 50.42 10.17
N ASP A 81 10.97 50.21 10.75
CA ASP A 81 11.74 49.00 10.49
C ASP A 81 11.12 47.83 11.29
N GLY A 82 11.57 46.60 10.99
CA GLY A 82 11.08 45.35 11.57
C GLY A 82 11.13 45.29 13.08
N PHE A 83 12.18 45.89 13.66
CA PHE A 83 12.35 46.01 15.11
C PHE A 83 11.25 46.88 15.68
N GLY A 84 10.90 47.96 14.95
CA GLY A 84 9.83 48.87 15.33
C GLY A 84 8.50 48.12 15.31
N VAL A 85 8.27 47.35 14.23
CA VAL A 85 7.05 46.56 14.04
C VAL A 85 6.89 45.54 15.17
N LEU A 86 7.97 44.83 15.54
CA LEU A 86 7.90 43.86 16.63
C LEU A 86 7.60 44.51 18.00
N ARG A 87 8.25 45.65 18.31
CA ARG A 87 8.05 46.41 19.54
C ARG A 87 6.57 46.82 19.70
N ARG A 88 5.92 47.21 18.60
CA ARG A 88 4.51 47.59 18.59
C ARG A 88 3.60 46.36 18.84
N LEU A 89 3.93 45.20 18.22
CA LEU A 89 3.21 43.94 18.39
C LEU A 89 3.28 43.49 19.85
N ARG A 90 4.49 43.49 20.44
CA ARG A 90 4.71 43.13 21.83
C ARG A 90 4.08 44.09 22.78
N ALA A 91 4.05 45.40 22.45
CA ALA A 91 3.37 46.40 23.30
C ALA A 91 1.84 46.15 23.36
N ASP A 92 1.28 45.51 22.31
CA ASP A 92 -0.12 45.11 22.19
C ASP A 92 -0.41 43.74 22.84
N GLY A 93 0.65 43.06 23.31
CA GLY A 93 0.56 41.78 23.99
C GLY A 93 0.59 40.55 23.12
N ILE A 94 1.09 40.70 21.88
CA ILE A 94 1.27 39.64 20.88
C ILE A 94 2.68 39.15 21.13
N ASP A 95 2.83 37.98 21.79
CA ASP A 95 4.13 37.43 22.19
C ASP A 95 4.69 36.33 21.27
N ALA A 96 4.12 36.17 20.06
CA ALA A 96 4.55 35.22 19.03
C ALA A 96 6.06 35.35 18.74
N PRO A 97 6.86 34.24 18.67
CA PRO A 97 8.30 34.40 18.34
C PRO A 97 8.54 34.96 16.92
N ALA A 98 9.63 35.71 16.73
CA ALA A 98 9.92 36.35 15.47
C ALA A 98 11.13 35.81 14.73
N LEU A 99 11.07 35.91 13.39
CA LEU A 99 12.20 35.58 12.53
C LEU A 99 12.46 36.82 11.70
N PHE A 100 13.62 37.42 11.92
CA PHE A 100 14.07 38.63 11.24
C PHE A 100 14.81 38.34 9.95
N LEU A 101 14.58 39.18 8.96
CA LEU A 101 15.29 39.07 7.68
C LEU A 101 16.20 40.30 7.68
N THR A 102 17.48 40.05 7.93
CA THR A 102 18.50 41.08 8.11
C THR A 102 19.29 41.39 6.85
N ALA A 103 19.91 42.59 6.79
CA ALA A 103 20.82 42.98 5.71
C ALA A 103 22.18 42.51 6.23
N ARG A 104 23.06 42.05 5.33
CA ARG A 104 24.37 41.55 5.73
C ARG A 104 25.31 42.63 6.36
N ASP A 105 25.33 43.82 5.77
CA ASP A 105 26.23 44.91 6.16
C ASP A 105 25.90 45.68 7.46
N SER A 106 24.66 45.58 8.00
CA SER A 106 24.26 46.44 9.12
C SER A 106 23.52 45.79 10.31
N LEU A 107 23.28 46.64 11.36
CA LEU A 107 22.60 46.43 12.65
C LEU A 107 23.08 45.16 13.40
N GLN A 108 24.30 44.68 13.06
CA GLN A 108 24.97 43.47 13.56
C GLN A 108 24.82 43.25 15.06
N ASP A 109 25.13 44.28 15.84
CA ASP A 109 25.08 44.30 17.30
C ASP A 109 23.67 44.26 17.84
N LYS A 110 22.73 45.03 17.24
CA LYS A 110 21.31 45.05 17.61
C LYS A 110 20.67 43.66 17.37
N ILE A 111 20.95 43.03 16.20
CA ILE A 111 20.41 41.70 15.88
C ILE A 111 20.96 40.64 16.84
N ALA A 112 22.25 40.70 17.21
CA ALA A 112 22.83 39.74 18.16
C ALA A 112 22.12 39.80 19.52
N GLY A 113 21.86 41.01 20.00
CA GLY A 113 21.23 41.28 21.29
C GLY A 113 19.73 41.05 21.34
N LEU A 114 19.05 41.07 20.18
CA LEU A 114 17.60 40.89 20.08
C LEU A 114 17.16 39.46 19.75
N THR A 115 18.13 38.56 19.52
CA THR A 115 17.94 37.17 19.17
C THR A 115 18.53 36.19 20.21
N LEU A 116 18.82 36.68 21.43
CA LEU A 116 19.41 35.84 22.51
C LEU A 116 18.37 34.82 23.05
N GLY A 117 17.10 35.18 22.91
CA GLY A 117 15.96 34.38 23.33
C GLY A 117 15.28 33.64 22.19
N GLY A 118 13.94 33.70 22.18
CA GLY A 118 13.10 32.98 21.24
C GLY A 118 13.21 33.40 19.79
N ASP A 119 13.49 34.68 19.53
CA ASP A 119 13.61 35.27 18.19
C ASP A 119 14.90 34.87 17.52
N ASP A 120 14.85 34.74 16.20
CA ASP A 120 15.99 34.40 15.38
C ASP A 120 16.05 35.29 14.15
N TYR A 121 17.10 35.12 13.33
CA TYR A 121 17.33 35.88 12.12
C TYR A 121 17.97 35.01 11.05
N VAL A 122 17.80 35.41 9.77
CA VAL A 122 18.36 34.86 8.53
C VAL A 122 18.76 36.10 7.76
N THR A 123 19.94 36.11 7.18
CA THR A 123 20.38 37.23 6.36
C THR A 123 19.75 37.13 4.95
N LYS A 124 19.29 38.27 4.45
CA LYS A 124 18.67 38.45 3.13
C LYS A 124 19.83 38.76 2.15
N PRO A 125 19.97 38.08 0.99
CA PRO A 125 19.11 37.02 0.38
C PRO A 125 19.24 35.67 1.07
N PHE A 126 18.09 35.03 1.27
CA PHE A 126 18.04 33.75 1.97
C PHE A 126 17.60 32.57 1.05
N SER A 127 17.79 31.37 1.58
CA SER A 127 17.42 30.13 1.01
C SER A 127 16.05 29.84 1.60
N LEU A 128 15.11 29.38 0.74
CA LEU A 128 13.77 29.05 1.22
C LEU A 128 13.80 27.90 2.25
N GLU A 129 14.68 26.91 2.01
CA GLU A 129 14.90 25.84 2.97
C GLU A 129 15.35 26.37 4.35
N GLU A 130 16.25 27.39 4.41
CA GLU A 130 16.73 27.89 5.69
C GLU A 130 15.67 28.69 6.44
N VAL A 131 14.81 29.49 5.73
CA VAL A 131 13.75 30.26 6.38
C VAL A 131 12.78 29.35 7.13
N VAL A 132 12.34 28.28 6.45
CA VAL A 132 11.33 27.33 6.89
C VAL A 132 11.85 26.54 8.07
N ALA A 133 13.08 26.05 7.97
CA ALA A 133 13.75 25.32 9.02
C ALA A 133 13.84 26.21 10.27
N ARG A 134 14.27 27.49 10.10
CA ARG A 134 14.42 28.45 11.22
C ARG A 134 13.09 28.81 11.84
N LEU A 135 12.01 28.89 11.04
CA LEU A 135 10.63 29.07 11.48
C LEU A 135 10.16 27.83 12.28
N ARG A 136 10.51 26.62 11.85
CA ARG A 136 10.12 25.40 12.58
C ARG A 136 10.78 25.30 13.92
N VAL A 137 11.99 25.86 14.06
CA VAL A 137 12.77 25.85 15.30
C VAL A 137 12.20 26.88 16.29
N ILE A 138 11.90 28.12 15.85
CA ILE A 138 11.32 29.14 16.73
C ILE A 138 9.92 28.71 17.18
N LEU A 139 9.14 28.05 16.29
CA LEU A 139 7.84 27.51 16.65
C LEU A 139 7.98 26.40 17.68
N ARG A 140 8.98 25.49 17.49
CA ARG A 140 9.29 24.39 18.41
C ARG A 140 9.79 24.92 19.76
N ARG A 141 10.81 25.81 19.77
CA ARG A 141 11.35 26.47 20.99
C ARG A 141 10.28 27.21 21.81
N ALA A 142 9.19 27.72 21.17
CA ALA A 142 8.09 28.48 21.79
C ALA A 142 6.87 27.65 22.30
N GLY A 143 6.89 26.32 22.10
CA GLY A 143 5.79 25.43 22.49
C GLY A 143 4.55 25.55 21.64
N VAL A 152 12.80 15.62 16.72
CA VAL A 152 13.71 16.76 16.50
C VAL A 152 14.97 16.33 15.65
N ARG A 153 15.10 15.01 15.38
CA ARG A 153 16.22 14.43 14.63
C ARG A 153 15.75 13.75 13.33
N LEU A 154 16.15 14.33 12.17
CA LEU A 154 15.83 13.84 10.81
C LEU A 154 16.69 12.65 10.49
N THR A 155 16.09 11.63 9.89
CA THR A 155 16.81 10.41 9.59
C THR A 155 16.44 9.84 8.25
N PHE A 156 17.37 9.10 7.65
CA PHE A 156 17.26 8.35 6.41
C PHE A 156 18.37 7.32 6.42
N ALA A 157 18.03 6.02 6.19
CA ALA A 157 18.99 4.91 6.20
C ALA A 157 19.96 5.06 7.42
N ASP A 158 21.29 4.98 7.22
CA ASP A 158 22.24 5.15 8.32
C ASP A 158 22.71 6.62 8.52
N ILE A 159 21.95 7.60 7.97
CA ILE A 159 22.27 9.02 8.08
C ILE A 159 21.31 9.67 9.06
N GLU A 160 21.85 10.32 10.10
CA GLU A 160 21.14 11.05 11.14
C GLU A 160 21.57 12.53 11.12
N LEU A 161 20.63 13.46 11.35
CA LEU A 161 20.83 14.92 11.35
C LEU A 161 20.06 15.56 12.51
N ASP A 162 20.68 16.47 13.27
CA ASP A 162 19.99 17.23 14.30
C ASP A 162 19.68 18.61 13.71
N GLU A 163 18.40 18.90 13.50
CA GLU A 163 17.97 20.17 12.88
C GLU A 163 18.37 21.41 13.67
N GLU A 164 18.44 21.26 15.00
CA GLU A 164 18.80 22.31 15.93
C GLU A 164 20.31 22.58 16.07
N THR A 165 21.12 21.54 16.30
CA THR A 165 22.59 21.68 16.45
C THR A 165 23.38 21.70 15.13
N HIS A 166 22.82 21.10 14.06
CA HIS A 166 23.44 20.98 12.72
C HIS A 166 24.49 19.87 12.67
N GLU A 167 24.41 18.94 13.62
CA GLU A 167 25.28 17.77 13.69
C GLU A 167 24.71 16.71 12.76
N VAL A 168 25.60 15.94 12.15
CA VAL A 168 25.28 14.86 11.24
C VAL A 168 26.07 13.60 11.67
N TRP A 169 25.41 12.44 11.58
CA TRP A 169 26.07 11.19 11.86
C TRP A 169 25.88 10.33 10.65
N LYS A 170 26.94 9.60 10.29
CA LYS A 170 26.90 8.60 9.22
C LYS A 170 27.30 7.34 9.92
N ALA A 171 26.32 6.43 10.06
CA ALA A 171 26.47 5.14 10.72
C ALA A 171 27.05 5.31 12.15
N GLY A 172 26.36 6.14 12.93
CA GLY A 172 26.69 6.45 14.32
C GLY A 172 27.87 7.37 14.57
N GLN A 173 28.78 7.52 13.60
CA GLN A 173 29.98 8.35 13.75
C GLN A 173 29.76 9.76 13.16
N PRO A 174 30.27 10.85 13.77
CA PRO A 174 30.02 12.18 13.20
C PRO A 174 30.72 12.49 11.88
N VAL A 175 30.10 13.38 11.11
CA VAL A 175 30.58 13.93 9.85
C VAL A 175 30.41 15.43 9.93
N SER A 176 31.44 16.17 9.54
CA SER A 176 31.36 17.62 9.58
C SER A 176 30.94 18.18 8.21
N LEU A 177 29.82 18.92 8.19
CA LEU A 177 29.23 19.50 6.96
C LEU A 177 29.27 21.01 6.98
N SER A 178 29.41 21.65 5.83
CA SER A 178 29.37 23.10 5.78
C SER A 178 27.91 23.56 5.82
N PRO A 179 27.63 24.86 5.99
CA PRO A 179 26.21 25.29 5.96
C PRO A 179 25.45 24.90 4.68
N THR A 180 26.06 25.03 3.50
CA THR A 180 25.42 24.64 2.23
C THR A 180 25.27 23.12 2.12
N GLU A 181 26.29 22.33 2.54
CA GLU A 181 26.23 20.88 2.47
C GLU A 181 25.13 20.36 3.40
N PHE A 182 24.92 21.06 4.53
CA PHE A 182 23.90 20.70 5.51
C PHE A 182 22.47 20.95 4.98
N THR A 183 22.23 22.13 4.40
CA THR A 183 20.92 22.51 3.83
C THR A 183 20.61 21.53 2.67
N LEU A 184 21.62 21.20 1.84
CA LEU A 184 21.45 20.26 0.72
C LEU A 184 21.04 18.87 1.24
N LEU A 185 21.76 18.36 2.26
CA LEU A 185 21.49 17.03 2.82
C LEU A 185 20.09 16.93 3.40
N ARG A 186 19.67 17.91 4.20
CA ARG A 186 18.33 17.99 4.82
C ARG A 186 17.24 17.99 3.73
N TYR A 187 17.47 18.71 2.65
CA TYR A 187 16.53 18.77 1.54
C TYR A 187 16.31 17.37 0.93
N PHE A 188 17.40 16.63 0.75
CA PHE A 188 17.37 15.27 0.23
C PHE A 188 16.69 14.33 1.20
N VAL A 189 17.01 14.39 2.51
CA VAL A 189 16.45 13.54 3.57
C VAL A 189 14.95 13.75 3.72
N ILE A 190 14.50 15.02 3.86
CA ILE A 190 13.07 15.38 3.93
C ILE A 190 12.33 14.83 2.68
N ASN A 191 12.93 15.00 1.50
CA ASN A 191 12.33 14.58 0.22
C ASN A 191 12.93 13.26 -0.32
N ALA A 192 13.17 12.27 0.58
CA ALA A 192 13.76 10.97 0.23
C ALA A 192 12.81 10.15 -0.60
N GLY A 193 13.33 9.62 -1.69
CA GLY A 193 12.56 8.83 -2.64
C GLY A 193 11.97 9.66 -3.77
N THR A 194 12.04 11.00 -3.64
CA THR A 194 11.54 11.97 -4.63
C THR A 194 12.70 12.42 -5.51
N VAL A 195 12.50 12.41 -6.85
CA VAL A 195 13.47 12.90 -7.84
C VAL A 195 13.48 14.43 -7.83
N LEU A 196 14.68 15.01 -7.72
CA LEU A 196 14.89 16.42 -7.66
C LEU A 196 15.87 16.86 -8.73
N SER A 197 15.37 17.67 -9.67
CA SER A 197 16.17 18.23 -10.75
C SER A 197 17.12 19.27 -10.15
N LYS A 198 18.24 19.60 -10.84
CA LYS A 198 19.19 20.62 -10.36
C LYS A 198 18.53 22.02 -10.23
N PRO A 199 17.63 22.46 -11.16
CA PRO A 199 16.98 23.77 -10.97
C PRO A 199 16.05 23.77 -9.76
N LYS A 200 15.28 22.69 -9.52
CA LYS A 200 14.42 22.60 -8.34
C LYS A 200 15.24 22.73 -7.02
N ILE A 201 16.40 22.05 -6.92
CA ILE A 201 17.32 22.12 -5.77
C ILE A 201 17.85 23.57 -5.61
N LEU A 202 18.29 24.20 -6.70
CA LEU A 202 18.79 25.58 -6.72
C LEU A 202 17.73 26.52 -6.21
N ASP A 203 16.46 26.31 -6.59
CA ASP A 203 15.36 27.18 -6.18
C ASP A 203 15.02 27.08 -4.70
N HIS A 204 15.29 25.91 -4.12
CA HIS A 204 14.93 25.68 -2.74
C HIS A 204 16.07 25.81 -1.72
N VAL A 205 17.28 25.34 -2.07
CA VAL A 205 18.47 25.25 -1.22
C VAL A 205 19.32 26.49 -1.35
N TRP A 206 19.50 27.00 -2.59
CA TRP A 206 20.37 28.16 -2.78
C TRP A 206 19.66 29.50 -2.49
N ARG A 207 20.45 30.56 -2.19
CA ARG A 207 19.90 31.90 -1.94
C ARG A 207 19.00 32.27 -3.13
N TYR A 208 17.81 32.83 -2.89
CA TYR A 208 16.87 33.12 -3.98
C TYR A 208 17.42 34.00 -5.09
N ASP A 209 18.48 34.79 -4.81
CA ASP A 209 19.02 35.69 -5.83
C ASP A 209 20.18 35.07 -6.61
N PHE A 210 20.43 33.75 -6.40
CA PHE A 210 21.52 33.05 -7.06
C PHE A 210 21.40 33.05 -8.60
N GLY A 211 22.37 33.69 -9.27
CA GLY A 211 22.39 33.78 -10.72
C GLY A 211 23.40 32.89 -11.40
N GLY A 212 23.70 31.76 -10.79
CA GLY A 212 24.70 30.84 -11.32
C GLY A 212 24.19 29.57 -11.98
N ASP A 213 25.17 28.76 -12.40
CA ASP A 213 25.09 27.48 -13.10
C ASP A 213 24.71 26.36 -12.14
N VAL A 214 23.99 25.35 -12.66
CA VAL A 214 23.55 24.14 -11.94
C VAL A 214 24.77 23.35 -11.42
N ASN A 215 25.98 23.53 -12.05
CA ASN A 215 27.23 22.87 -11.65
C ASN A 215 27.52 23.01 -10.15
N VAL A 216 27.03 24.11 -9.50
CA VAL A 216 27.21 24.29 -8.07
C VAL A 216 26.58 23.12 -7.30
N VAL A 217 25.41 22.62 -7.75
CA VAL A 217 24.70 21.47 -7.18
C VAL A 217 25.52 20.21 -7.44
N GLU A 218 26.11 20.09 -8.64
CA GLU A 218 26.96 18.95 -9.02
C GLU A 218 28.14 18.88 -8.06
N SER A 219 28.75 20.07 -7.77
CA SER A 219 29.87 20.19 -6.84
C SER A 219 29.50 19.74 -5.44
N TYR A 220 28.39 20.25 -4.89
CA TYR A 220 27.95 19.94 -3.52
C TYR A 220 27.43 18.50 -3.37
N VAL A 221 26.88 17.90 -4.43
CA VAL A 221 26.48 16.47 -4.43
C VAL A 221 27.76 15.62 -4.36
N SER A 222 28.81 16.01 -5.10
CA SER A 222 30.12 15.34 -5.04
C SER A 222 30.70 15.50 -3.59
N TYR A 223 30.50 16.66 -2.96
CA TYR A 223 30.96 16.86 -1.58
C TYR A 223 30.24 15.91 -0.63
N LEU A 224 28.91 15.79 -0.78
CA LEU A 224 28.06 14.88 0.01
C LEU A 224 28.41 13.41 -0.20
N ARG A 225 28.53 12.97 -1.45
CA ARG A 225 28.89 11.57 -1.77
C ARG A 225 30.20 11.14 -1.12
N ARG A 226 31.26 11.98 -1.18
CA ARG A 226 32.58 11.76 -0.55
C ARG A 226 32.45 11.52 0.96
N LYS A 227 31.38 12.04 1.62
CA LYS A 227 31.21 11.95 3.08
C LYS A 227 30.13 10.99 3.61
N ILE A 228 28.96 11.00 2.97
CA ILE A 228 27.78 10.26 3.42
C ILE A 228 27.38 9.08 2.49
N ASP A 229 27.99 8.92 1.28
CA ASP A 229 27.67 7.83 0.29
C ASP A 229 28.96 7.03 -0.03
N THR A 230 29.47 6.36 1.03
CA THR A 230 30.75 5.70 1.09
C THR A 230 30.75 4.16 1.25
N GLY A 231 29.59 3.50 1.17
CA GLY A 231 29.46 2.05 1.29
C GLY A 231 29.10 1.34 0.02
N GLU A 232 28.92 0.00 0.09
CA GLU A 232 28.57 -0.85 -1.05
C GLU A 232 27.25 -0.41 -1.68
N LYS A 233 26.27 -0.05 -0.83
CA LYS A 233 24.95 0.35 -1.31
C LYS A 233 24.81 1.88 -1.43
N ARG A 234 24.68 2.35 -2.68
CA ARG A 234 24.53 3.74 -3.09
C ARG A 234 23.19 4.24 -2.57
N LEU A 235 23.17 5.48 -2.07
CA LEU A 235 21.97 6.14 -1.54
C LEU A 235 21.58 7.34 -2.36
N LEU A 236 22.56 8.09 -2.89
CA LEU A 236 22.34 9.33 -3.64
C LEU A 236 22.63 9.08 -5.11
N HIS A 237 21.56 8.88 -5.89
CA HIS A 237 21.62 8.50 -7.31
C HIS A 237 21.39 9.64 -8.25
N THR A 238 22.01 9.52 -9.43
CA THR A 238 21.86 10.39 -10.59
C THR A 238 21.03 9.64 -11.64
N LEU A 239 19.99 10.31 -12.12
CA LEU A 239 19.15 9.83 -13.20
C LEU A 239 19.39 10.85 -14.27
N ARG A 240 20.32 10.54 -15.20
CA ARG A 240 20.76 11.39 -16.31
C ARG A 240 19.57 12.07 -16.99
N GLY A 241 19.64 13.40 -17.07
CA GLY A 241 18.59 14.19 -17.71
C GLY A 241 17.34 14.33 -16.88
N VAL A 242 17.36 13.89 -15.60
CA VAL A 242 16.17 13.96 -14.75
C VAL A 242 16.51 14.67 -13.45
N GLY A 243 17.46 14.15 -12.68
CA GLY A 243 17.91 14.76 -11.44
C GLY A 243 18.61 13.80 -10.50
N TYR A 244 18.52 14.11 -9.22
CA TYR A 244 19.08 13.29 -8.16
C TYR A 244 17.95 12.75 -7.29
N VAL A 245 18.19 11.59 -6.66
CA VAL A 245 17.25 10.98 -5.74
C VAL A 245 18.01 10.27 -4.60
N LEU A 246 17.59 10.55 -3.37
CA LEU A 246 18.14 9.91 -2.20
C LEU A 246 17.17 8.78 -1.87
N ARG A 247 17.65 7.53 -1.95
CA ARG A 247 16.85 6.32 -1.70
C ARG A 247 17.76 5.08 -1.56
N GLU A 248 17.27 4.00 -0.96
CA GLU A 248 18.04 2.75 -0.87
C GLU A 248 18.09 2.10 -2.30
N PRO A 249 19.15 1.34 -2.71
CA PRO A 249 19.08 0.69 -4.05
C PRO A 249 18.11 -0.50 -3.96
N ARG A 250 17.11 -0.55 -4.87
CA ARG A 250 16.08 -1.61 -4.82
C ARG A 250 15.92 -2.41 -6.14
N THR B 21 -17.16 16.00 -21.39
CA THR B 21 -16.58 17.04 -20.54
C THR B 21 -15.04 17.12 -20.71
N PRO B 22 -14.40 18.31 -20.60
CA PRO B 22 -12.94 18.38 -20.82
C PRO B 22 -12.03 17.87 -19.69
N GLU B 23 -10.76 17.49 -20.04
CA GLU B 23 -9.71 17.01 -19.10
C GLU B 23 -9.39 18.09 -18.05
N ALA B 24 -9.25 19.35 -18.49
CA ALA B 24 -9.01 20.51 -17.64
C ALA B 24 -9.23 21.80 -18.43
N ARG B 25 -9.27 22.96 -17.70
CA ARG B 25 -9.37 24.30 -18.28
C ARG B 25 -7.96 24.88 -18.24
N VAL B 26 -7.38 25.20 -19.41
CA VAL B 26 -5.99 25.71 -19.48
C VAL B 26 -5.93 27.09 -20.11
N LEU B 27 -5.28 28.03 -19.43
CA LEU B 27 -5.07 29.37 -19.97
C LEU B 27 -3.63 29.43 -20.58
N VAL B 28 -3.52 29.57 -21.93
CA VAL B 28 -2.24 29.66 -22.64
C VAL B 28 -1.94 31.14 -22.87
N VAL B 29 -0.82 31.63 -22.34
CA VAL B 29 -0.39 33.04 -22.43
C VAL B 29 1.03 33.14 -22.99
N ASP B 30 1.17 33.73 -24.18
CA ASP B 30 2.45 33.99 -24.84
C ASP B 30 2.24 35.18 -25.77
N ASP B 31 3.26 36.07 -25.85
CA ASP B 31 3.19 37.24 -26.73
C ASP B 31 3.26 36.86 -28.22
N GLU B 32 3.67 35.60 -28.50
CA GLU B 32 3.81 35.02 -29.84
C GLU B 32 2.59 34.15 -30.15
N ALA B 33 1.74 34.64 -31.07
CA ALA B 33 0.50 34.00 -31.50
C ALA B 33 0.72 32.62 -32.13
N ASN B 34 1.88 32.43 -32.80
CA ASN B 34 2.21 31.15 -33.39
C ASN B 34 2.44 30.06 -32.31
N ILE B 35 3.07 30.41 -31.18
CA ILE B 35 3.32 29.48 -30.05
C ILE B 35 2.00 29.16 -29.33
N VAL B 36 1.14 30.17 -29.24
CA VAL B 36 -0.19 30.13 -28.64
C VAL B 36 -1.14 29.16 -29.38
N GLU B 37 -1.26 29.28 -30.71
CA GLU B 37 -2.14 28.40 -31.47
C GLU B 37 -1.57 26.97 -31.57
N LEU B 38 -0.23 26.81 -31.67
CA LEU B 38 0.47 25.49 -31.70
C LEU B 38 0.09 24.69 -30.43
N LEU B 39 0.10 25.36 -29.26
CA LEU B 39 -0.25 24.78 -27.97
C LEU B 39 -1.73 24.53 -27.86
N SER B 40 -2.55 25.52 -28.25
CA SER B 40 -4.02 25.45 -28.19
C SER B 40 -4.59 24.35 -29.07
N VAL B 41 -4.06 24.17 -30.31
CA VAL B 41 -4.54 23.12 -31.23
C VAL B 41 -4.23 21.72 -30.66
N SER B 42 -2.97 21.49 -30.17
CA SER B 42 -2.54 20.21 -29.57
C SER B 42 -3.33 19.85 -28.34
N LEU B 43 -3.50 20.81 -27.42
CA LEU B 43 -4.21 20.61 -26.17
C LEU B 43 -5.72 20.46 -26.39
N LYS B 44 -6.33 21.26 -27.33
CA LYS B 44 -7.76 21.13 -27.68
C LYS B 44 -8.04 19.72 -28.17
N PHE B 45 -7.08 19.15 -28.93
CA PHE B 45 -7.11 17.80 -29.47
C PHE B 45 -6.98 16.74 -28.38
N GLN B 46 -6.20 17.03 -27.32
CA GLN B 46 -5.95 16.10 -26.22
C GLN B 46 -7.03 16.11 -25.14
N GLY B 47 -8.13 16.81 -25.42
CA GLY B 47 -9.28 16.87 -24.53
C GLY B 47 -9.39 18.08 -23.63
N PHE B 48 -8.40 18.98 -23.67
CA PHE B 48 -8.41 20.19 -22.84
C PHE B 48 -9.32 21.29 -23.41
N GLU B 49 -9.84 22.14 -22.50
CA GLU B 49 -10.65 23.33 -22.80
C GLU B 49 -9.62 24.48 -22.67
N VAL B 50 -9.28 25.13 -23.81
CA VAL B 50 -8.22 26.11 -23.91
C VAL B 50 -8.68 27.55 -24.23
N TYR B 51 -8.15 28.49 -23.44
CA TYR B 51 -8.34 29.92 -23.54
C TYR B 51 -6.97 30.53 -23.72
N THR B 52 -6.87 31.61 -24.49
CA THR B 52 -5.58 32.23 -24.81
C THR B 52 -5.51 33.71 -24.45
N ALA B 53 -4.27 34.27 -24.48
CA ALA B 53 -3.94 35.68 -24.24
C ALA B 53 -2.56 35.95 -24.80
N THR B 54 -2.33 37.14 -25.31
CA THR B 54 -1.04 37.52 -25.89
C THR B 54 -0.40 38.71 -25.12
N ASN B 55 -0.90 38.97 -23.89
CA ASN B 55 -0.44 40.03 -22.99
C ASN B 55 -0.99 39.81 -21.57
N GLY B 56 -0.41 40.54 -20.59
CA GLY B 56 -0.75 40.48 -19.17
C GLY B 56 -2.17 40.91 -18.81
N ALA B 57 -2.70 41.95 -19.51
CA ALA B 57 -4.06 42.45 -19.29
C ALA B 57 -5.09 41.40 -19.72
N GLN B 58 -4.97 40.92 -20.99
CA GLN B 58 -5.78 39.89 -21.65
C GLN B 58 -5.79 38.64 -20.77
N ALA B 59 -4.57 38.26 -20.27
CA ALA B 59 -4.32 37.14 -19.37
C ALA B 59 -5.11 37.29 -18.10
N LEU B 60 -4.99 38.47 -17.43
CA LEU B 60 -5.72 38.74 -16.18
C LEU B 60 -7.22 38.69 -16.38
N ASP B 61 -7.72 39.26 -17.51
CA ASP B 61 -9.15 39.30 -17.89
C ASP B 61 -9.69 37.90 -18.13
N ARG B 62 -9.03 37.12 -19.01
CA ARG B 62 -9.41 35.75 -19.35
C ARG B 62 -9.38 34.84 -18.11
N ALA B 63 -8.33 34.98 -17.27
CA ALA B 63 -8.20 34.23 -16.01
C ALA B 63 -9.36 34.54 -15.03
N ARG B 64 -9.76 35.81 -14.95
CA ARG B 64 -10.91 36.21 -14.12
C ARG B 64 -12.25 35.76 -14.73
N GLU B 65 -12.35 35.77 -16.07
CA GLU B 65 -13.55 35.36 -16.83
C GLU B 65 -13.80 33.86 -16.79
N THR B 66 -12.73 33.04 -16.80
CA THR B 66 -12.79 31.57 -16.94
C THR B 66 -12.24 30.73 -15.75
N ARG B 67 -11.48 31.34 -14.79
CA ARG B 67 -10.91 30.67 -13.62
C ARG B 67 -10.28 29.31 -13.99
N PRO B 68 -9.09 29.28 -14.64
CA PRO B 68 -8.54 28.00 -15.12
C PRO B 68 -8.00 27.03 -14.07
N ASP B 69 -7.82 25.76 -14.50
CA ASP B 69 -7.27 24.69 -13.67
C ASP B 69 -5.72 24.75 -13.64
N ALA B 70 -5.12 25.42 -14.65
CA ALA B 70 -3.66 25.63 -14.80
C ALA B 70 -3.38 26.71 -15.82
N VAL B 71 -2.22 27.34 -15.72
CA VAL B 71 -1.82 28.41 -16.63
C VAL B 71 -0.48 28.10 -17.31
N ILE B 72 -0.40 28.24 -18.65
CA ILE B 72 0.85 28.06 -19.36
C ILE B 72 1.28 29.49 -19.65
N LEU B 73 2.45 29.86 -19.17
CA LEU B 73 2.93 31.22 -19.21
C LEU B 73 4.27 31.49 -19.83
N ASP B 74 4.30 32.36 -20.85
CA ASP B 74 5.56 32.82 -21.41
C ASP B 74 6.11 33.79 -20.37
N VAL B 75 7.33 33.52 -19.93
CA VAL B 75 8.01 34.25 -18.88
C VAL B 75 8.42 35.65 -19.35
N MET B 76 8.93 35.73 -20.58
CA MET B 76 9.42 36.94 -21.23
C MET B 76 8.32 37.60 -22.12
N MET B 77 7.50 38.47 -21.51
CA MET B 77 6.43 39.17 -22.24
C MET B 77 6.53 40.69 -22.06
N PRO B 78 6.39 41.47 -23.17
CA PRO B 78 6.47 42.94 -23.06
C PRO B 78 5.50 43.53 -22.03
N GLY B 79 5.98 44.54 -21.30
CA GLY B 79 5.23 45.19 -20.24
C GLY B 79 5.04 44.28 -19.04
N MET B 80 3.78 44.03 -18.64
CA MET B 80 3.44 43.16 -17.51
C MET B 80 3.84 41.70 -17.75
N ASP B 81 4.63 41.15 -16.80
CA ASP B 81 5.10 39.77 -16.76
C ASP B 81 4.10 38.90 -15.99
N GLY B 82 4.19 37.60 -16.21
CA GLY B 82 3.32 36.62 -15.58
C GLY B 82 3.33 36.62 -14.06
N PHE B 83 4.51 36.86 -13.46
CA PHE B 83 4.71 36.88 -12.01
C PHE B 83 3.79 37.89 -11.30
N GLY B 84 3.68 39.09 -11.87
CA GLY B 84 2.80 40.14 -11.35
C GLY B 84 1.35 39.71 -11.40
N VAL B 85 0.97 39.11 -12.53
CA VAL B 85 -0.36 38.57 -12.79
C VAL B 85 -0.72 37.42 -11.84
N LEU B 86 0.22 36.44 -11.61
CA LEU B 86 0.01 35.25 -10.77
C LEU B 86 -0.32 35.64 -9.35
N ARG B 87 0.42 36.62 -8.84
CA ARG B 87 0.31 37.19 -7.52
C ARG B 87 -1.11 37.76 -7.31
N ARG B 88 -1.63 38.50 -8.32
CA ARG B 88 -2.99 39.06 -8.30
C ARG B 88 -4.09 37.97 -8.32
N LEU B 89 -3.96 36.93 -9.21
CA LEU B 89 -4.89 35.80 -9.31
C LEU B 89 -5.01 35.01 -8.02
N ARG B 90 -3.85 34.73 -7.37
CA ARG B 90 -3.76 33.98 -6.11
C ARG B 90 -4.30 34.76 -4.92
N ALA B 91 -4.23 36.11 -4.97
CA ALA B 91 -4.74 37.03 -3.94
C ALA B 91 -6.28 37.12 -4.04
N ASP B 92 -6.85 36.76 -5.22
CA ASP B 92 -8.30 36.71 -5.47
C ASP B 92 -8.83 35.43 -4.84
N GLY B 93 -8.20 34.30 -5.20
CA GLY B 93 -8.56 32.96 -4.73
C GLY B 93 -8.31 31.87 -5.75
N ILE B 94 -7.69 32.22 -6.91
CA ILE B 94 -7.37 31.31 -8.02
C ILE B 94 -5.97 30.71 -7.82
N ASP B 95 -5.94 29.52 -7.18
CA ASP B 95 -4.73 28.78 -6.82
C ASP B 95 -4.31 27.78 -7.92
N ALA B 96 -4.39 28.20 -9.19
CA ALA B 96 -4.03 27.39 -10.35
C ALA B 96 -2.51 27.35 -10.60
N PRO B 97 -1.90 26.14 -10.70
CA PRO B 97 -0.45 26.06 -10.94
C PRO B 97 -0.05 26.60 -12.34
N ALA B 98 1.19 27.13 -12.45
CA ALA B 98 1.74 27.66 -13.68
C ALA B 98 2.82 26.77 -14.27
N LEU B 99 2.79 26.62 -15.59
CA LEU B 99 3.84 25.91 -16.29
C LEU B 99 4.47 26.98 -17.12
N PHE B 100 5.66 27.43 -16.68
CA PHE B 100 6.38 28.49 -17.34
C PHE B 100 7.04 28.06 -18.66
N LEU B 101 6.95 28.95 -19.64
CA LEU B 101 7.58 28.79 -20.93
C LEU B 101 8.76 29.70 -20.86
N THR B 102 9.95 29.08 -20.81
CA THR B 102 11.15 29.87 -20.65
C THR B 102 12.06 29.73 -21.86
N ALA B 103 13.00 30.64 -22.02
CA ALA B 103 13.97 30.56 -23.10
C ALA B 103 15.21 29.75 -22.67
N ARG B 104 15.92 29.18 -23.65
CA ARG B 104 17.16 28.41 -23.46
C ARG B 104 18.38 29.34 -23.45
N LYS B 110 19.65 35.36 -14.19
CA LYS B 110 18.66 34.77 -15.09
C LYS B 110 17.25 34.70 -14.46
N ILE B 111 16.32 33.95 -15.09
CA ILE B 111 14.96 33.74 -14.61
C ILE B 111 15.04 32.53 -13.66
N ALA B 112 14.75 32.74 -12.36
CA ALA B 112 14.74 31.64 -11.38
C ALA B 112 13.47 31.71 -10.52
N GLY B 113 13.13 30.61 -9.86
CA GLY B 113 11.95 30.47 -9.00
C GLY B 113 10.81 29.80 -9.74
N LEU B 114 11.11 29.21 -10.86
CA LEU B 114 10.10 28.60 -11.69
C LEU B 114 9.58 27.25 -11.15
N THR B 115 10.18 26.69 -10.10
CA THR B 115 9.79 25.39 -9.54
C THR B 115 9.22 25.53 -8.13
N LEU B 116 8.97 26.75 -7.69
CA LEU B 116 8.40 27.02 -6.37
C LEU B 116 6.91 26.70 -6.36
N GLY B 117 6.39 26.29 -5.20
CA GLY B 117 5.00 25.90 -5.01
C GLY B 117 4.62 24.68 -5.83
N GLY B 118 3.53 24.80 -6.56
CA GLY B 118 3.05 23.73 -7.43
C GLY B 118 3.40 23.97 -8.89
N ASP B 119 4.25 24.98 -9.14
CA ASP B 119 4.64 25.34 -10.50
C ASP B 119 5.81 24.47 -11.01
N ASP B 120 6.00 24.50 -12.33
CA ASP B 120 7.09 23.86 -13.04
C ASP B 120 7.31 24.65 -14.30
N TYR B 121 8.27 24.24 -15.14
CA TYR B 121 8.59 24.94 -16.37
C TYR B 121 9.08 24.01 -17.50
N VAL B 122 9.00 24.52 -18.74
CA VAL B 122 9.54 23.88 -19.94
C VAL B 122 10.35 24.95 -20.65
N THR B 123 11.48 24.53 -21.23
CA THR B 123 12.29 25.46 -22.02
C THR B 123 11.88 25.41 -23.52
N LYS B 124 11.87 26.59 -24.18
CA LYS B 124 11.64 26.81 -25.60
C LYS B 124 13.00 26.67 -26.29
N PRO B 125 13.09 25.85 -27.35
CA PRO B 125 11.99 25.14 -28.06
C PRO B 125 11.66 23.80 -27.38
N PHE B 126 10.37 23.51 -27.24
CA PHE B 126 9.88 22.30 -26.57
C PHE B 126 9.21 21.35 -27.58
N SER B 127 8.85 20.16 -27.13
CA SER B 127 8.09 19.22 -27.92
C SER B 127 6.65 19.20 -27.32
N LEU B 128 5.68 18.81 -28.14
CA LEU B 128 4.28 18.72 -27.74
C LEU B 128 4.14 17.69 -26.60
N GLU B 129 4.85 16.54 -26.69
CA GLU B 129 4.87 15.48 -25.67
C GLU B 129 5.37 15.98 -24.32
N GLU B 130 6.48 16.73 -24.29
CA GLU B 130 6.95 17.28 -23.00
C GLU B 130 6.06 18.35 -22.38
N VAL B 131 5.40 19.23 -23.17
CA VAL B 131 4.51 20.28 -22.62
C VAL B 131 3.30 19.67 -21.94
N VAL B 132 2.63 18.70 -22.63
CA VAL B 132 1.46 17.96 -22.13
C VAL B 132 1.83 17.16 -20.90
N ALA B 133 2.95 16.40 -20.96
CA ALA B 133 3.42 15.58 -19.84
C ALA B 133 3.57 16.45 -18.55
N ARG B 134 4.38 17.54 -18.60
CA ARG B 134 4.56 18.47 -17.49
C ARG B 134 3.26 19.14 -17.11
N LEU B 135 2.43 19.56 -18.07
CA LEU B 135 1.12 20.14 -17.76
C LEU B 135 0.31 19.15 -16.93
N ARG B 136 0.26 17.86 -17.34
CA ARG B 136 -0.45 16.82 -16.62
C ARG B 136 0.08 16.57 -15.20
N VAL B 137 1.39 16.72 -14.99
CA VAL B 137 2.00 16.57 -13.66
C VAL B 137 1.54 17.70 -12.74
N ILE B 138 1.67 18.98 -13.18
CA ILE B 138 1.30 20.13 -12.33
C ILE B 138 -0.21 20.10 -11.97
N LEU B 139 -1.08 19.58 -12.88
CA LEU B 139 -2.52 19.44 -12.65
C LEU B 139 -2.83 18.37 -11.62
N ARG B 140 -2.18 17.18 -11.74
CA ARG B 140 -2.35 16.02 -10.84
C ARG B 140 -1.88 16.40 -9.43
N ARG B 141 -0.77 17.17 -9.36
CA ARG B 141 -0.16 17.70 -8.14
C ARG B 141 -1.11 18.69 -7.42
N ALA B 142 -1.98 19.38 -8.18
CA ALA B 142 -2.93 20.35 -7.64
C ALA B 142 -4.35 19.78 -7.38
N GLY B 143 -4.76 18.79 -8.19
CA GLY B 143 -6.08 18.17 -8.13
C GLY B 143 -7.03 18.66 -9.20
N VAL B 152 1.09 4.43 -10.04
CA VAL B 152 0.57 5.07 -11.26
C VAL B 152 1.65 5.09 -12.42
N ARG B 153 2.34 3.94 -12.61
CA ARG B 153 3.35 3.72 -13.67
C ARG B 153 2.66 3.37 -15.00
N LEU B 154 3.22 3.82 -16.13
CA LEU B 154 2.70 3.52 -17.48
C LEU B 154 3.08 2.12 -17.86
N THR B 155 2.11 1.35 -18.35
CA THR B 155 2.37 -0.03 -18.74
C THR B 155 1.68 -0.38 -20.07
N PHE B 156 2.28 -1.33 -20.77
CA PHE B 156 1.77 -1.98 -21.96
C PHE B 156 2.44 -3.34 -21.97
N ALA B 157 1.62 -4.42 -21.94
CA ALA B 157 2.05 -5.81 -21.89
C ALA B 157 3.03 -6.04 -20.73
N ASP B 158 4.36 -6.09 -21.02
CA ASP B 158 5.42 -6.31 -20.03
C ASP B 158 6.43 -5.16 -19.99
N ILE B 159 6.03 -4.01 -20.55
CA ILE B 159 6.83 -2.78 -20.57
C ILE B 159 6.28 -1.89 -19.46
N GLU B 160 7.17 -1.38 -18.63
CA GLU B 160 6.82 -0.54 -17.51
C GLU B 160 7.64 0.73 -17.57
N LEU B 161 6.97 1.86 -17.37
CA LEU B 161 7.57 3.20 -17.43
C LEU B 161 7.29 3.95 -16.14
N ASP B 162 8.33 4.54 -15.58
CA ASP B 162 8.16 5.40 -14.41
C ASP B 162 8.28 6.82 -14.96
N GLU B 163 7.16 7.54 -14.99
CA GLU B 163 7.11 8.89 -15.50
C GLU B 163 7.98 9.86 -14.67
N GLU B 164 8.17 9.58 -13.34
CA GLU B 164 8.98 10.39 -12.41
C GLU B 164 10.47 10.20 -12.65
N THR B 165 10.95 8.96 -12.46
CA THR B 165 12.38 8.63 -12.57
C THR B 165 12.86 8.40 -13.99
N HIS B 166 11.92 8.10 -14.93
CA HIS B 166 12.19 7.76 -16.33
C HIS B 166 12.85 6.37 -16.41
N GLU B 167 12.57 5.52 -15.40
CA GLU B 167 13.05 4.15 -15.33
C GLU B 167 12.12 3.30 -16.19
N VAL B 168 12.69 2.29 -16.83
CA VAL B 168 12.01 1.38 -17.72
C VAL B 168 12.36 -0.05 -17.32
N TRP B 169 11.38 -0.95 -17.46
CA TRP B 169 11.53 -2.37 -17.23
C TRP B 169 10.90 -3.19 -18.36
N LYS B 170 11.52 -4.31 -18.69
CA LYS B 170 11.01 -5.23 -19.71
C LYS B 170 11.10 -6.61 -19.09
N ALA B 171 9.92 -7.20 -18.78
CA ALA B 171 9.73 -8.49 -18.12
C ALA B 171 10.27 -8.51 -16.69
N GLY B 172 10.16 -7.36 -16.02
CA GLY B 172 10.62 -7.14 -14.65
C GLY B 172 12.07 -6.72 -14.53
N GLN B 173 12.82 -6.77 -15.66
CA GLN B 173 14.25 -6.43 -15.76
C GLN B 173 14.44 -4.97 -16.15
N PRO B 174 15.34 -4.22 -15.49
CA PRO B 174 15.51 -2.80 -15.87
C PRO B 174 16.32 -2.64 -17.15
N VAL B 175 15.93 -1.64 -17.95
CA VAL B 175 16.56 -1.23 -19.19
C VAL B 175 16.74 0.29 -19.17
N SER B 176 17.98 0.73 -19.42
CA SER B 176 18.34 2.12 -19.48
C SER B 176 17.97 2.70 -20.87
N LEU B 177 17.28 3.85 -20.88
CA LEU B 177 16.85 4.53 -22.11
C LEU B 177 17.32 6.00 -22.07
N SER B 178 17.70 6.54 -23.22
CA SER B 178 18.05 7.95 -23.35
C SER B 178 16.74 8.82 -23.27
N PRO B 179 16.86 10.16 -23.06
CA PRO B 179 15.64 11.01 -22.97
C PRO B 179 14.72 10.92 -24.17
N THR B 180 15.29 10.94 -25.38
CA THR B 180 14.55 10.80 -26.63
C THR B 180 13.92 9.39 -26.75
N GLU B 181 14.68 8.35 -26.36
CA GLU B 181 14.16 6.96 -26.44
C GLU B 181 12.96 6.81 -25.49
N PHE B 182 13.03 7.42 -24.29
CA PHE B 182 11.95 7.39 -23.30
C PHE B 182 10.75 8.16 -23.79
N THR B 183 10.92 9.38 -24.29
CA THR B 183 9.76 10.17 -24.79
C THR B 183 9.02 9.40 -25.88
N LEU B 184 9.80 8.81 -26.83
CA LEU B 184 9.23 8.05 -27.95
C LEU B 184 8.41 6.84 -27.46
N LEU B 185 8.97 6.06 -26.50
CA LEU B 185 8.30 4.92 -25.90
C LEU B 185 7.02 5.35 -25.20
N ARG B 186 7.07 6.44 -24.43
CA ARG B 186 5.90 6.98 -23.73
C ARG B 186 4.80 7.39 -24.74
N TYR B 187 5.18 7.97 -25.87
CA TYR B 187 4.25 8.33 -26.93
C TYR B 187 3.49 7.08 -27.45
N PHE B 188 4.25 6.01 -27.76
CA PHE B 188 3.77 4.74 -28.25
C PHE B 188 2.88 4.05 -27.23
N VAL B 189 3.29 4.03 -25.93
CA VAL B 189 2.54 3.39 -24.84
C VAL B 189 1.19 4.07 -24.65
N ILE B 190 1.17 5.41 -24.56
CA ILE B 190 -0.04 6.23 -24.43
C ILE B 190 -0.96 5.98 -25.62
N ASN B 191 -0.38 5.91 -26.81
CA ASN B 191 -1.06 5.70 -28.08
C ASN B 191 -0.97 4.23 -28.55
N ALA B 192 -0.98 3.25 -27.60
CA ALA B 192 -0.93 1.81 -27.96
C ALA B 192 -2.14 1.41 -28.80
N GLY B 193 -1.86 0.71 -29.89
CA GLY B 193 -2.87 0.22 -30.83
C GLY B 193 -3.23 1.19 -31.94
N THR B 194 -2.67 2.42 -31.89
CA THR B 194 -2.88 3.47 -32.89
C THR B 194 -1.63 3.44 -33.78
N VAL B 195 -1.81 3.43 -35.12
CA VAL B 195 -0.73 3.45 -36.11
C VAL B 195 -0.32 4.91 -36.19
N LEU B 196 0.96 5.18 -35.96
CA LEU B 196 1.49 6.54 -35.92
C LEU B 196 2.51 6.70 -37.03
N SER B 197 2.28 7.65 -37.93
CA SER B 197 3.19 7.91 -39.02
C SER B 197 4.45 8.63 -38.54
N LYS B 198 5.56 8.43 -39.26
CA LYS B 198 6.83 9.07 -38.98
C LYS B 198 6.68 10.62 -38.89
N PRO B 199 5.98 11.32 -39.87
CA PRO B 199 5.78 12.78 -39.72
C PRO B 199 5.02 13.19 -38.47
N LYS B 200 3.99 12.42 -38.05
CA LYS B 200 3.20 12.62 -36.82
C LYS B 200 4.09 12.45 -35.58
N ILE B 201 4.88 11.36 -35.51
CA ILE B 201 5.79 11.11 -34.37
C ILE B 201 6.75 12.31 -34.21
N LEU B 202 7.41 12.70 -35.30
CA LEU B 202 8.34 13.81 -35.34
C LEU B 202 7.70 15.13 -34.84
N ASP B 203 6.45 15.41 -35.26
CA ASP B 203 5.71 16.60 -34.83
C ASP B 203 5.33 16.57 -33.34
N HIS B 204 5.28 15.38 -32.73
CA HIS B 204 4.92 15.22 -31.33
C HIS B 204 6.04 14.97 -30.37
N VAL B 205 7.01 14.20 -30.78
CA VAL B 205 8.14 13.79 -29.95
C VAL B 205 9.36 14.72 -30.08
N TRP B 206 9.64 15.25 -31.29
CA TRP B 206 10.80 16.12 -31.46
C TRP B 206 10.43 17.54 -31.20
N ARG B 207 11.44 18.36 -30.86
CA ARG B 207 11.26 19.79 -30.58
C ARG B 207 10.80 20.51 -31.83
N TYR B 208 9.96 21.53 -31.68
CA TYR B 208 9.39 22.24 -32.84
C TYR B 208 10.44 22.99 -33.71
N ASP B 209 11.68 23.09 -33.25
CA ASP B 209 12.75 23.75 -34.01
C ASP B 209 13.62 22.69 -34.74
N PHE B 210 13.30 21.38 -34.57
CA PHE B 210 14.02 20.28 -35.24
C PHE B 210 13.90 20.40 -36.79
N GLY B 211 15.05 20.45 -37.46
CA GLY B 211 15.10 20.66 -38.90
C GLY B 211 15.39 19.50 -39.81
N GLY B 212 15.56 18.31 -39.27
CA GLY B 212 15.83 17.14 -40.09
C GLY B 212 14.59 16.40 -40.55
N ASP B 213 14.83 15.24 -41.23
CA ASP B 213 13.81 14.34 -41.77
C ASP B 213 13.35 13.29 -40.76
N VAL B 214 12.57 12.33 -41.22
CA VAL B 214 12.01 11.26 -40.42
C VAL B 214 12.94 10.05 -40.25
N ASN B 215 14.09 9.96 -40.97
CA ASN B 215 14.98 8.82 -40.68
C ASN B 215 15.40 8.82 -39.23
N VAL B 216 15.31 9.98 -38.50
CA VAL B 216 15.68 10.03 -37.08
C VAL B 216 14.69 9.14 -36.30
N VAL B 217 13.43 9.11 -36.73
CA VAL B 217 12.38 8.25 -36.15
C VAL B 217 12.73 6.75 -36.37
N GLU B 218 13.22 6.41 -37.56
CA GLU B 218 13.62 5.06 -37.93
C GLU B 218 14.74 4.59 -36.98
N SER B 219 15.73 5.47 -36.72
CA SER B 219 16.86 5.22 -35.84
C SER B 219 16.40 4.93 -34.41
N TYR B 220 15.47 5.77 -33.91
CA TYR B 220 14.97 5.67 -32.56
C TYR B 220 14.02 4.53 -32.37
N VAL B 221 13.34 4.05 -33.47
CA VAL B 221 12.52 2.84 -33.42
C VAL B 221 13.49 1.64 -33.34
N SER B 222 14.64 1.72 -34.04
CA SER B 222 15.64 0.66 -34.07
C SER B 222 16.28 0.53 -32.69
N TYR B 223 16.46 1.65 -31.96
CA TYR B 223 17.05 1.58 -30.64
C TYR B 223 16.05 1.00 -29.66
N LEU B 224 14.78 1.40 -29.75
CA LEU B 224 13.69 0.95 -28.90
C LEU B 224 13.50 -0.55 -29.06
N ARG B 225 13.60 -1.01 -30.28
CA ARG B 225 13.45 -2.43 -30.58
C ARG B 225 14.53 -3.27 -29.93
N ARG B 226 15.80 -2.83 -29.99
CA ARG B 226 16.88 -3.62 -29.41
C ARG B 226 16.96 -3.47 -27.86
N LYS B 227 16.20 -2.52 -27.27
CA LYS B 227 16.17 -2.31 -25.82
C LYS B 227 14.89 -2.88 -25.14
N ILE B 228 13.69 -2.77 -25.76
CA ILE B 228 12.42 -3.18 -25.15
C ILE B 228 11.55 -4.10 -26.01
N ASP B 229 12.04 -4.55 -27.17
CA ASP B 229 11.27 -5.47 -28.02
C ASP B 229 12.15 -6.70 -28.32
N THR B 230 12.66 -7.27 -27.23
CA THR B 230 13.61 -8.38 -27.22
C THR B 230 12.97 -9.72 -26.81
N GLY B 231 11.67 -9.71 -26.53
CA GLY B 231 10.92 -10.88 -26.10
C GLY B 231 10.40 -11.75 -27.23
N GLU B 232 9.84 -12.93 -26.87
CA GLU B 232 9.26 -13.93 -27.78
C GLU B 232 8.29 -13.34 -28.78
N LYS B 233 7.50 -12.34 -28.34
CA LYS B 233 6.50 -11.65 -29.17
C LYS B 233 6.95 -10.23 -29.54
N ARG B 234 6.84 -9.87 -30.84
CA ARG B 234 7.17 -8.55 -31.40
C ARG B 234 5.97 -7.64 -31.09
N LEU B 235 6.24 -6.53 -30.38
CA LEU B 235 5.22 -5.55 -29.95
C LEU B 235 5.24 -4.25 -30.76
N LEU B 236 6.41 -3.84 -31.29
CA LEU B 236 6.56 -2.62 -32.07
C LEU B 236 6.58 -3.00 -33.54
N HIS B 237 5.53 -2.64 -34.28
CA HIS B 237 5.35 -3.10 -35.65
C HIS B 237 5.46 -2.04 -36.71
N THR B 238 5.93 -2.46 -37.90
CA THR B 238 6.07 -1.62 -39.08
C THR B 238 4.98 -1.95 -40.09
N LEU B 239 4.27 -0.92 -40.53
CA LEU B 239 3.24 -0.98 -41.54
C LEU B 239 3.76 -0.06 -42.65
N ARG B 240 4.31 -0.66 -43.73
CA ARG B 240 4.97 0.05 -44.84
C ARG B 240 4.11 1.16 -45.44
N GLY B 241 4.71 2.35 -45.51
CA GLY B 241 4.11 3.56 -46.03
C GLY B 241 2.97 4.12 -45.18
N VAL B 242 2.76 3.59 -43.95
CA VAL B 242 1.65 4.00 -43.07
C VAL B 242 2.16 4.53 -41.75
N GLY B 243 2.86 3.68 -41.01
CA GLY B 243 3.42 4.05 -39.72
C GLY B 243 3.91 2.90 -38.88
N TYR B 244 4.08 3.20 -37.58
CA TYR B 244 4.49 2.27 -36.55
C TYR B 244 3.37 2.07 -35.56
N VAL B 245 3.32 0.92 -34.91
CA VAL B 245 2.28 0.65 -33.94
C VAL B 245 2.76 -0.30 -32.84
N LEU B 246 2.52 0.14 -31.58
CA LEU B 246 2.73 -0.68 -30.41
C LEU B 246 1.43 -1.49 -30.16
N ARG B 247 1.44 -2.77 -30.50
CA ARG B 247 0.32 -3.68 -30.25
C ARG B 247 0.77 -5.11 -29.99
N GLU B 248 -0.07 -5.89 -29.29
CA GLU B 248 0.20 -7.29 -29.01
C GLU B 248 0.01 -8.04 -30.35
N PRO B 249 0.92 -8.97 -30.73
CA PRO B 249 0.73 -9.69 -32.00
C PRO B 249 -0.58 -10.49 -32.03
N ARG B 250 -1.24 -10.41 -33.17
CA ARG B 250 -2.54 -11.01 -33.48
C ARG B 250 -2.45 -12.52 -33.81
N THR E 21 -21.66 -41.15 12.94
CA THR E 21 -21.20 -41.72 11.67
C THR E 21 -20.94 -40.65 10.57
N PRO E 22 -20.03 -40.88 9.59
CA PRO E 22 -19.79 -39.86 8.54
C PRO E 22 -20.98 -39.61 7.60
N GLU E 23 -20.94 -38.47 6.88
CA GLU E 23 -21.97 -38.05 5.90
C GLU E 23 -22.10 -39.05 4.73
N ALA E 24 -20.96 -39.52 4.22
CA ALA E 24 -20.84 -40.47 3.12
C ALA E 24 -19.36 -40.86 3.03
N ARG E 25 -19.09 -41.98 2.31
CA ARG E 25 -17.77 -42.54 2.04
C ARG E 25 -17.46 -42.11 0.58
N VAL E 26 -16.36 -41.42 0.36
CA VAL E 26 -16.01 -40.84 -0.94
C VAL E 26 -14.65 -41.33 -1.39
N LEU E 27 -14.53 -41.65 -2.69
CA LEU E 27 -13.27 -42.09 -3.30
C LEU E 27 -12.78 -41.02 -4.26
N VAL E 28 -11.59 -40.50 -4.01
CA VAL E 28 -11.01 -39.40 -4.79
C VAL E 28 -9.86 -39.95 -5.61
N VAL E 29 -9.95 -39.78 -6.94
CA VAL E 29 -8.99 -40.34 -7.89
C VAL E 29 -8.44 -39.29 -8.86
N ASP E 30 -7.13 -39.00 -8.82
CA ASP E 30 -6.47 -38.04 -9.70
C ASP E 30 -5.02 -38.42 -9.76
N ASP E 31 -4.38 -38.26 -10.92
CA ASP E 31 -2.98 -38.63 -11.08
C ASP E 31 -2.05 -37.65 -10.39
N GLU E 32 -2.54 -36.45 -10.08
CA GLU E 32 -1.79 -35.41 -9.34
C GLU E 32 -2.12 -35.50 -7.85
N ALA E 33 -1.14 -35.96 -7.08
CA ALA E 33 -1.18 -36.12 -5.63
C ALA E 33 -1.68 -34.84 -4.92
N ASN E 34 -1.32 -33.64 -5.43
CA ASN E 34 -1.75 -32.35 -4.86
C ASN E 34 -3.26 -32.17 -4.92
N ILE E 35 -3.92 -32.68 -5.98
CA ILE E 35 -5.37 -32.60 -6.15
C ILE E 35 -6.03 -33.52 -5.16
N VAL E 36 -5.52 -34.73 -5.12
CA VAL E 36 -5.98 -35.79 -4.24
C VAL E 36 -5.94 -35.31 -2.78
N GLU E 37 -4.82 -34.70 -2.35
CA GLU E 37 -4.63 -34.24 -0.98
C GLU E 37 -5.46 -32.98 -0.68
N LEU E 38 -5.55 -32.03 -1.62
CA LEU E 38 -6.42 -30.84 -1.53
C LEU E 38 -7.88 -31.27 -1.30
N LEU E 39 -8.38 -32.26 -2.07
CA LEU E 39 -9.77 -32.71 -1.94
C LEU E 39 -9.95 -33.51 -0.66
N SER E 40 -8.99 -34.38 -0.36
CA SER E 40 -9.05 -35.23 0.82
C SER E 40 -9.13 -34.42 2.13
N VAL E 41 -8.24 -33.42 2.31
CA VAL E 41 -8.17 -32.54 3.50
C VAL E 41 -9.53 -31.84 3.75
N SER E 42 -10.06 -31.22 2.69
CA SER E 42 -11.31 -30.46 2.68
C SER E 42 -12.55 -31.32 2.98
N LEU E 43 -12.68 -32.45 2.28
CA LEU E 43 -13.81 -33.36 2.46
C LEU E 43 -13.80 -34.02 3.83
N LYS E 44 -12.61 -34.42 4.34
CA LYS E 44 -12.46 -34.99 5.69
C LYS E 44 -12.99 -34.05 6.75
N PHE E 45 -12.64 -32.75 6.61
CA PHE E 45 -13.13 -31.68 7.50
C PHE E 45 -14.66 -31.52 7.49
N GLN E 46 -15.30 -31.65 6.31
CA GLN E 46 -16.77 -31.56 6.12
C GLN E 46 -17.59 -32.78 6.64
N GLY E 47 -16.92 -33.84 7.11
CA GLY E 47 -17.58 -35.00 7.66
C GLY E 47 -17.64 -36.20 6.77
N PHE E 48 -16.94 -36.16 5.64
CA PHE E 48 -16.88 -37.28 4.71
C PHE E 48 -15.76 -38.26 5.09
N GLU E 49 -16.02 -39.56 4.93
CA GLU E 49 -15.00 -40.59 5.13
C GLU E 49 -14.32 -40.70 3.74
N VAL E 50 -13.06 -40.25 3.62
CA VAL E 50 -12.39 -40.16 2.33
C VAL E 50 -11.28 -41.21 2.08
N TYR E 51 -11.31 -41.82 0.86
CA TYR E 51 -10.31 -42.76 0.36
C TYR E 51 -9.72 -42.17 -0.89
N THR E 52 -8.42 -42.33 -1.09
CA THR E 52 -7.73 -41.73 -2.24
C THR E 52 -6.99 -42.73 -3.10
N ALA E 53 -6.65 -42.34 -4.34
CA ALA E 53 -5.87 -43.14 -5.28
C ALA E 53 -5.35 -42.23 -6.36
N THR E 54 -4.14 -42.55 -6.89
CA THR E 54 -3.46 -41.75 -7.92
C THR E 54 -3.36 -42.46 -9.26
N ASN E 55 -4.06 -43.59 -9.39
CA ASN E 55 -4.16 -44.31 -10.66
C ASN E 55 -5.40 -45.17 -10.62
N GLY E 56 -5.75 -45.70 -11.78
CA GLY E 56 -6.94 -46.53 -11.97
C GLY E 56 -6.87 -47.87 -11.28
N ALA E 57 -5.70 -48.52 -11.29
CA ALA E 57 -5.53 -49.82 -10.63
C ALA E 57 -5.70 -49.68 -9.11
N GLN E 58 -5.11 -48.63 -8.54
CA GLN E 58 -5.23 -48.29 -7.13
C GLN E 58 -6.70 -47.99 -6.79
N ALA E 59 -7.39 -47.23 -7.67
CA ALA E 59 -8.79 -46.84 -7.51
C ALA E 59 -9.73 -48.03 -7.40
N LEU E 60 -9.56 -49.04 -8.30
CA LEU E 60 -10.38 -50.22 -8.38
C LEU E 60 -10.18 -51.11 -7.18
N ASP E 61 -8.95 -51.14 -6.66
CA ASP E 61 -8.61 -51.85 -5.44
C ASP E 61 -9.32 -51.17 -4.27
N ARG E 62 -9.12 -49.83 -4.04
CA ARG E 62 -9.79 -49.11 -2.93
C ARG E 62 -11.33 -49.28 -2.98
N ALA E 63 -11.92 -49.17 -4.17
CA ALA E 63 -13.36 -49.27 -4.41
C ALA E 63 -13.92 -50.61 -3.99
N ARG E 64 -13.20 -51.69 -4.29
CA ARG E 64 -13.66 -53.02 -3.88
C ARG E 64 -13.66 -53.11 -2.35
N GLU E 65 -12.55 -52.66 -1.68
CA GLU E 65 -12.43 -52.71 -0.21
C GLU E 65 -13.39 -51.79 0.51
N THR E 66 -13.53 -50.54 0.06
CA THR E 66 -14.26 -49.52 0.79
C THR E 66 -15.70 -49.32 0.37
N ARG E 67 -16.08 -49.71 -0.87
CA ARG E 67 -17.44 -49.56 -1.38
C ARG E 67 -17.94 -48.06 -1.22
N PRO E 68 -17.36 -47.13 -2.02
CA PRO E 68 -17.70 -45.72 -1.86
C PRO E 68 -19.15 -45.35 -2.20
N ASP E 69 -19.67 -44.30 -1.55
CA ASP E 69 -21.01 -43.79 -1.80
C ASP E 69 -21.00 -42.91 -3.05
N ALA E 70 -19.84 -42.33 -3.39
CA ALA E 70 -19.64 -41.45 -4.54
C ALA E 70 -18.18 -41.49 -4.87
N VAL E 71 -17.84 -41.15 -6.08
CA VAL E 71 -16.45 -41.18 -6.54
C VAL E 71 -16.14 -39.85 -7.22
N ILE E 72 -14.93 -39.33 -6.99
CA ILE E 72 -14.45 -38.11 -7.63
C ILE E 72 -13.37 -38.54 -8.60
N LEU E 73 -13.67 -38.43 -9.91
CA LEU E 73 -12.76 -38.91 -10.89
C LEU E 73 -12.07 -37.91 -11.75
N ASP E 74 -10.72 -37.94 -11.77
CA ASP E 74 -9.99 -37.17 -12.77
C ASP E 74 -10.20 -37.85 -14.14
N VAL E 75 -10.63 -37.10 -15.17
CA VAL E 75 -10.87 -37.66 -16.50
C VAL E 75 -9.54 -37.95 -17.19
N MET E 76 -8.65 -36.94 -17.28
CA MET E 76 -7.36 -37.11 -17.96
C MET E 76 -6.22 -37.59 -17.02
N MET E 77 -6.10 -38.92 -16.86
CA MET E 77 -5.03 -39.58 -16.13
C MET E 77 -4.29 -40.40 -17.15
N PRO E 78 -2.94 -40.40 -17.20
CA PRO E 78 -2.22 -41.22 -18.20
C PRO E 78 -2.47 -42.72 -18.04
N GLY E 79 -2.48 -43.46 -19.15
CA GLY E 79 -2.81 -44.88 -19.15
C GLY E 79 -4.32 -45.05 -19.03
N MET E 80 -4.80 -45.69 -17.93
CA MET E 80 -6.24 -45.86 -17.68
C MET E 80 -6.87 -44.54 -17.21
N ASP E 81 -7.66 -43.93 -18.08
CA ASP E 81 -8.32 -42.66 -17.81
C ASP E 81 -9.54 -42.84 -16.83
N GLY E 82 -10.14 -41.73 -16.39
CA GLY E 82 -11.29 -41.73 -15.47
C GLY E 82 -12.52 -42.45 -15.98
N PHE E 83 -12.79 -42.36 -17.29
CA PHE E 83 -13.89 -43.08 -17.93
C PHE E 83 -13.56 -44.57 -17.94
N GLY E 84 -12.28 -44.91 -18.05
CA GLY E 84 -11.80 -46.28 -17.98
C GLY E 84 -12.07 -46.82 -16.61
N VAL E 85 -11.82 -46.03 -15.57
CA VAL E 85 -12.07 -46.39 -14.16
C VAL E 85 -13.57 -46.61 -13.93
N LEU E 86 -14.41 -45.68 -14.37
CA LEU E 86 -15.86 -45.78 -14.16
C LEU E 86 -16.45 -47.00 -14.82
N ARG E 87 -16.06 -47.27 -16.08
CA ARG E 87 -16.51 -48.42 -16.85
C ARG E 87 -16.21 -49.72 -16.05
N ARG E 88 -15.07 -49.79 -15.34
CA ARG E 88 -14.68 -50.99 -14.60
C ARG E 88 -15.39 -51.11 -13.26
N LEU E 89 -15.65 -49.98 -12.61
CA LEU E 89 -16.40 -49.92 -11.35
C LEU E 89 -17.80 -50.44 -11.61
N ARG E 90 -18.47 -49.92 -12.67
CA ARG E 90 -19.82 -50.29 -13.06
C ARG E 90 -19.89 -51.73 -13.45
N ALA E 91 -18.85 -52.26 -14.13
CA ALA E 91 -18.80 -53.68 -14.51
C ALA E 91 -18.70 -54.59 -13.27
N ASP E 92 -18.05 -54.12 -12.20
CA ASP E 92 -17.88 -54.82 -10.93
C ASP E 92 -19.10 -54.72 -9.99
N GLY E 93 -20.18 -54.10 -10.47
CA GLY E 93 -21.41 -53.92 -9.73
C GLY E 93 -21.41 -52.77 -8.75
N ILE E 94 -20.51 -51.80 -8.95
CA ILE E 94 -20.41 -50.58 -8.12
C ILE E 94 -21.12 -49.41 -8.86
N ASP E 95 -22.30 -48.98 -8.40
CA ASP E 95 -23.10 -47.93 -9.07
C ASP E 95 -23.06 -46.54 -8.42
N ALA E 96 -22.01 -46.30 -7.61
CA ALA E 96 -21.71 -45.05 -6.89
C ALA E 96 -21.72 -43.85 -7.89
N PRO E 97 -22.53 -42.75 -7.69
CA PRO E 97 -22.51 -41.64 -8.65
C PRO E 97 -21.11 -41.05 -8.79
N ALA E 98 -20.76 -40.58 -9.98
CA ALA E 98 -19.43 -40.01 -10.20
C ALA E 98 -19.46 -38.50 -10.39
N LEU E 99 -18.39 -37.84 -9.94
CA LEU E 99 -18.14 -36.43 -10.14
C LEU E 99 -16.84 -36.36 -10.93
N PHE E 100 -16.97 -36.04 -12.20
CA PHE E 100 -15.82 -35.93 -13.08
C PHE E 100 -15.11 -34.59 -12.95
N LEU E 101 -13.77 -34.61 -13.00
CA LEU E 101 -12.91 -33.41 -12.99
C LEU E 101 -12.39 -33.31 -14.42
N THR E 102 -12.90 -32.33 -15.13
CA THR E 102 -12.62 -32.10 -16.55
C THR E 102 -11.65 -30.94 -16.72
N ALA E 103 -11.12 -30.75 -17.93
CA ALA E 103 -10.27 -29.59 -18.26
C ALA E 103 -11.15 -28.62 -19.13
N ARG E 104 -10.76 -27.33 -19.21
CA ARG E 104 -11.51 -26.34 -20.01
C ARG E 104 -11.20 -26.55 -21.50
N ASP E 105 -9.92 -26.31 -21.88
CA ASP E 105 -9.28 -26.48 -23.19
C ASP E 105 -9.61 -27.86 -23.77
N SER E 106 -10.01 -28.78 -22.86
CA SER E 106 -10.37 -30.16 -23.11
C SER E 106 -11.39 -30.30 -24.18
N LEU E 107 -11.10 -31.29 -25.04
CA LEU E 107 -11.85 -31.76 -26.18
C LEU E 107 -13.28 -32.15 -25.77
N GLN E 108 -13.44 -32.79 -24.57
CA GLN E 108 -14.75 -33.24 -24.07
C GLN E 108 -15.57 -32.15 -23.36
N ASP E 109 -16.63 -31.80 -24.07
CA ASP E 109 -17.75 -30.92 -23.79
C ASP E 109 -18.93 -31.89 -23.92
N LYS E 110 -18.72 -32.95 -24.76
CA LYS E 110 -19.61 -34.08 -25.05
C LYS E 110 -19.88 -34.93 -23.79
N ILE E 111 -19.15 -34.67 -22.67
CA ILE E 111 -19.35 -35.37 -21.40
C ILE E 111 -20.64 -34.91 -20.68
N ALA E 112 -21.39 -33.97 -21.29
CA ALA E 112 -22.69 -33.48 -20.84
C ALA E 112 -23.74 -34.63 -21.04
N GLY E 113 -23.41 -35.58 -21.92
CA GLY E 113 -24.18 -36.78 -22.21
C GLY E 113 -23.91 -37.87 -21.19
N LEU E 114 -22.64 -37.96 -20.71
CA LEU E 114 -22.18 -38.91 -19.67
C LEU E 114 -22.67 -38.50 -18.26
N THR E 115 -22.93 -37.19 -18.07
CA THR E 115 -23.40 -36.58 -16.82
C THR E 115 -24.91 -36.24 -16.91
N LEU E 116 -25.64 -36.93 -17.82
CA LEU E 116 -27.07 -36.73 -18.05
C LEU E 116 -27.87 -37.18 -16.83
N GLY E 117 -27.39 -38.25 -16.19
CA GLY E 117 -28.03 -38.86 -15.02
C GLY E 117 -27.50 -38.41 -13.69
N GLY E 118 -27.26 -39.39 -12.83
CA GLY E 118 -26.77 -39.19 -11.48
C GLY E 118 -25.36 -38.67 -11.36
N ASP E 119 -24.61 -38.64 -12.47
CA ASP E 119 -23.25 -38.12 -12.50
C ASP E 119 -23.25 -36.59 -12.74
N ASP E 120 -22.09 -35.94 -12.56
CA ASP E 120 -21.87 -34.51 -12.76
C ASP E 120 -20.37 -34.30 -13.06
N TYR E 121 -19.98 -33.06 -13.29
CA TYR E 121 -18.61 -32.70 -13.58
C TYR E 121 -18.35 -31.30 -13.06
N VAL E 122 -17.07 -31.00 -12.81
CA VAL E 122 -16.54 -29.70 -12.37
C VAL E 122 -15.33 -29.50 -13.28
N THR E 123 -15.12 -28.30 -13.81
CA THR E 123 -13.93 -28.13 -14.66
C THR E 123 -12.77 -27.58 -13.80
N LYS E 124 -11.56 -28.05 -14.07
CA LYS E 124 -10.37 -27.61 -13.37
C LYS E 124 -9.84 -26.33 -14.01
N PRO E 125 -9.38 -25.33 -13.23
CA PRO E 125 -9.33 -25.24 -11.75
C PRO E 125 -10.70 -24.87 -11.16
N PHE E 126 -11.00 -25.46 -10.02
CA PHE E 126 -12.30 -25.29 -9.36
C PHE E 126 -12.11 -24.75 -8.00
N SER E 127 -13.22 -24.42 -7.36
CA SER E 127 -13.19 -24.00 -5.98
C SER E 127 -13.70 -25.17 -5.11
N LEU E 128 -13.30 -25.19 -3.85
CA LEU E 128 -13.75 -26.23 -2.92
C LEU E 128 -15.23 -26.11 -2.60
N GLU E 129 -15.79 -24.88 -2.67
CA GLU E 129 -17.23 -24.67 -2.53
C GLU E 129 -18.02 -25.35 -3.69
N GLU E 130 -17.51 -25.27 -4.95
CA GLU E 130 -18.18 -25.88 -6.11
C GLU E 130 -18.14 -27.42 -6.06
N VAL E 131 -16.96 -28.02 -5.74
CA VAL E 131 -16.79 -29.48 -5.60
C VAL E 131 -17.77 -30.04 -4.58
N VAL E 132 -17.74 -29.49 -3.35
CA VAL E 132 -18.58 -29.95 -2.23
C VAL E 132 -20.06 -29.79 -2.55
N ALA E 133 -20.47 -28.65 -3.16
CA ALA E 133 -21.86 -28.41 -3.54
C ALA E 133 -22.30 -29.41 -4.60
N ARG E 134 -21.41 -29.74 -5.55
CA ARG E 134 -21.77 -30.74 -6.59
C ARG E 134 -21.74 -32.14 -6.04
N LEU E 135 -20.84 -32.44 -5.09
CA LEU E 135 -20.75 -33.76 -4.46
C LEU E 135 -22.04 -34.05 -3.63
N ARG E 136 -22.51 -33.08 -2.87
CA ARG E 136 -23.70 -33.22 -2.03
C ARG E 136 -24.97 -33.47 -2.84
N VAL E 137 -25.03 -32.92 -4.08
CA VAL E 137 -26.18 -33.08 -4.96
C VAL E 137 -26.20 -34.48 -5.53
N ILE E 138 -25.06 -34.97 -6.02
CA ILE E 138 -24.99 -36.33 -6.60
C ILE E 138 -25.28 -37.41 -5.50
N LEU E 139 -24.92 -37.12 -4.24
CA LEU E 139 -25.25 -37.96 -3.08
C LEU E 139 -26.73 -37.98 -2.75
N ARG E 140 -27.43 -36.81 -2.82
CA ARG E 140 -28.87 -36.77 -2.53
C ARG E 140 -29.70 -37.49 -3.59
N ARG E 141 -29.31 -37.38 -4.89
CA ARG E 141 -29.98 -38.07 -6.01
C ARG E 141 -29.81 -39.56 -5.88
N ALA E 142 -28.64 -40.02 -5.36
CA ALA E 142 -28.35 -41.44 -5.16
C ALA E 142 -29.15 -42.06 -4.00
N GLY E 143 -29.54 -41.24 -3.03
CA GLY E 143 -30.25 -41.66 -1.84
C GLY E 143 -29.31 -41.89 -0.67
N ARG E 150 -31.49 -30.22 3.35
CA ARG E 150 -32.57 -30.77 2.52
C ARG E 150 -33.33 -29.68 1.74
N ASN E 151 -33.65 -28.56 2.42
CA ASN E 151 -34.38 -27.42 1.83
C ASN E 151 -33.49 -26.66 0.80
N VAL E 152 -34.01 -26.54 -0.45
CA VAL E 152 -33.34 -25.84 -1.56
C VAL E 152 -33.07 -24.35 -1.23
N ARG E 153 -33.87 -23.78 -0.31
CA ARG E 153 -33.76 -22.37 0.06
C ARG E 153 -33.00 -22.15 1.35
N LEU E 154 -31.95 -21.34 1.26
CA LEU E 154 -31.17 -20.93 2.41
C LEU E 154 -31.67 -19.57 2.77
N THR E 155 -31.85 -19.34 4.05
CA THR E 155 -32.30 -18.05 4.53
C THR E 155 -31.42 -17.57 5.68
N PHE E 156 -31.26 -16.26 5.75
CA PHE E 156 -30.59 -15.55 6.81
C PHE E 156 -31.18 -14.15 6.81
N ALA E 157 -31.78 -13.76 7.95
CA ALA E 157 -32.41 -12.45 8.13
C ALA E 157 -33.41 -12.21 6.97
N ASP E 158 -33.22 -11.14 6.16
CA ASP E 158 -34.11 -10.87 5.01
C ASP E 158 -33.49 -11.30 3.64
N ILE E 159 -32.41 -12.11 3.68
CA ILE E 159 -31.76 -12.64 2.48
C ILE E 159 -32.26 -14.07 2.29
N GLU E 160 -32.57 -14.45 1.01
CA GLU E 160 -32.96 -15.81 0.63
C GLU E 160 -32.23 -16.20 -0.68
N LEU E 161 -31.66 -17.42 -0.71
CA LEU E 161 -30.92 -18.02 -1.83
C LEU E 161 -31.59 -19.33 -2.20
N ASP E 162 -31.66 -19.67 -3.50
CA ASP E 162 -32.15 -20.98 -3.95
C ASP E 162 -30.91 -21.69 -4.47
N GLU E 163 -30.48 -22.73 -3.75
CA GLU E 163 -29.31 -23.54 -4.07
C GLU E 163 -29.42 -24.23 -5.45
N GLU E 164 -30.64 -24.51 -5.94
CA GLU E 164 -30.85 -25.12 -7.26
C GLU E 164 -30.74 -24.11 -8.42
N THR E 165 -31.55 -23.03 -8.37
CA THR E 165 -31.66 -22.03 -9.43
C THR E 165 -30.62 -20.94 -9.36
N HIS E 166 -30.02 -20.73 -8.17
CA HIS E 166 -29.04 -19.67 -7.85
C HIS E 166 -29.71 -18.29 -7.84
N GLU E 167 -31.00 -18.27 -7.59
CA GLU E 167 -31.79 -17.05 -7.44
C GLU E 167 -31.51 -16.50 -6.05
N VAL E 168 -31.55 -15.17 -5.92
CA VAL E 168 -31.30 -14.43 -4.67
C VAL E 168 -32.42 -13.40 -4.50
N TRP E 169 -32.83 -13.22 -3.24
CA TRP E 169 -33.84 -12.26 -2.81
C TRP E 169 -33.35 -11.48 -1.61
N LYS E 170 -33.66 -10.20 -1.59
CA LYS E 170 -33.37 -9.32 -0.47
C LYS E 170 -34.69 -8.64 -0.18
N ALA E 171 -35.22 -8.88 1.02
CA ALA E 171 -36.50 -8.33 1.48
C ALA E 171 -37.60 -8.67 0.47
N GLY E 172 -37.58 -9.92 0.03
CA GLY E 172 -38.53 -10.46 -0.94
C GLY E 172 -38.38 -9.95 -2.35
N GLN E 173 -37.37 -9.11 -2.62
CA GLN E 173 -37.11 -8.56 -3.96
C GLN E 173 -36.03 -9.30 -4.65
N PRO E 174 -36.25 -9.75 -5.91
CA PRO E 174 -35.16 -10.43 -6.66
C PRO E 174 -33.92 -9.55 -6.82
N VAL E 175 -32.74 -10.13 -6.68
CA VAL E 175 -31.51 -9.36 -6.87
C VAL E 175 -30.58 -10.14 -7.74
N SER E 176 -30.01 -9.50 -8.76
CA SER E 176 -29.07 -10.21 -9.64
C SER E 176 -27.71 -10.27 -8.98
N LEU E 177 -27.12 -11.46 -8.91
CA LEU E 177 -25.80 -11.70 -8.35
C LEU E 177 -24.95 -12.41 -9.41
N SER E 178 -23.63 -12.13 -9.43
CA SER E 178 -22.67 -12.71 -10.35
C SER E 178 -22.25 -14.07 -9.80
N PRO E 179 -21.75 -15.03 -10.63
CA PRO E 179 -21.35 -16.34 -10.06
C PRO E 179 -20.44 -16.25 -8.82
N THR E 180 -19.43 -15.36 -8.81
CA THR E 180 -18.55 -15.20 -7.63
C THR E 180 -19.31 -14.62 -6.44
N GLU E 181 -20.11 -13.60 -6.65
CA GLU E 181 -20.91 -13.00 -5.57
C GLU E 181 -21.82 -14.08 -4.94
N PHE E 182 -22.39 -14.98 -5.78
CA PHE E 182 -23.29 -16.05 -5.34
C PHE E 182 -22.57 -17.05 -4.44
N THR E 183 -21.44 -17.57 -4.91
CA THR E 183 -20.60 -18.51 -4.17
C THR E 183 -20.21 -17.91 -2.80
N LEU E 184 -19.86 -16.64 -2.79
CA LEU E 184 -19.44 -15.97 -1.58
C LEU E 184 -20.60 -15.72 -0.62
N LEU E 185 -21.78 -15.41 -1.11
CA LEU E 185 -22.93 -15.19 -0.25
C LEU E 185 -23.36 -16.49 0.39
N ARG E 186 -23.43 -17.58 -0.39
CA ARG E 186 -23.76 -18.92 0.09
C ARG E 186 -22.75 -19.37 1.19
N TYR E 187 -21.47 -19.08 0.98
CA TYR E 187 -20.44 -19.47 1.93
C TYR E 187 -20.65 -18.71 3.25
N PHE E 188 -20.90 -17.42 3.18
CA PHE E 188 -21.23 -16.63 4.37
C PHE E 188 -22.52 -17.19 5.06
N VAL E 189 -23.58 -17.50 4.27
CA VAL E 189 -24.90 -17.97 4.77
C VAL E 189 -24.78 -19.29 5.48
N ILE E 190 -24.11 -20.27 4.84
CA ILE E 190 -23.85 -21.57 5.41
C ILE E 190 -23.05 -21.43 6.71
N ASN E 191 -22.11 -20.49 6.76
CA ASN E 191 -21.23 -20.23 7.91
C ASN E 191 -21.69 -19.03 8.72
N ALA E 192 -22.99 -18.79 8.80
CA ALA E 192 -23.55 -17.66 9.54
C ALA E 192 -23.09 -17.78 10.99
N GLY E 193 -22.63 -16.66 11.53
CA GLY E 193 -22.12 -16.55 12.89
C GLY E 193 -20.67 -16.93 13.08
N THR E 194 -20.01 -17.49 12.04
CA THR E 194 -18.58 -17.88 12.06
C THR E 194 -17.75 -16.81 11.38
N VAL E 195 -16.71 -16.39 12.07
CA VAL E 195 -15.72 -15.38 11.66
C VAL E 195 -14.86 -16.11 10.65
N LEU E 196 -14.70 -15.52 9.47
CA LEU E 196 -13.98 -16.07 8.34
C LEU E 196 -12.98 -15.04 7.89
N SER E 197 -11.72 -15.44 7.86
CA SER E 197 -10.62 -14.59 7.44
C SER E 197 -10.60 -14.51 5.93
N LYS E 198 -9.98 -13.47 5.38
CA LYS E 198 -9.80 -13.33 3.93
C LYS E 198 -9.02 -14.53 3.35
N PRO E 199 -7.84 -14.97 3.90
CA PRO E 199 -7.21 -16.22 3.36
C PRO E 199 -8.12 -17.45 3.40
N LYS E 200 -8.92 -17.65 4.47
CA LYS E 200 -9.86 -18.80 4.54
C LYS E 200 -10.90 -18.67 3.40
N ILE E 201 -11.43 -17.46 3.16
CA ILE E 201 -12.43 -17.19 2.12
C ILE E 201 -11.81 -17.46 0.76
N LEU E 202 -10.63 -16.93 0.51
CA LEU E 202 -9.90 -17.08 -0.74
C LEU E 202 -9.64 -18.53 -1.06
N ASP E 203 -9.24 -19.30 -0.04
CA ASP E 203 -8.95 -20.73 -0.18
C ASP E 203 -10.17 -21.61 -0.47
N HIS E 204 -11.39 -21.24 -0.01
CA HIS E 204 -12.62 -22.05 -0.18
C HIS E 204 -13.57 -21.54 -1.32
N VAL E 205 -13.67 -20.24 -1.52
CA VAL E 205 -14.58 -19.65 -2.51
C VAL E 205 -13.87 -19.50 -3.88
N TRP E 206 -12.59 -19.10 -3.90
CA TRP E 206 -11.90 -18.95 -5.16
C TRP E 206 -11.31 -20.24 -5.71
N ARG E 207 -10.97 -20.24 -7.03
CA ARG E 207 -10.35 -21.39 -7.68
CA ARG E 207 -10.33 -21.35 -7.73
C ARG E 207 -9.04 -21.74 -6.98
N TYR E 208 -8.78 -23.06 -6.83
CA TYR E 208 -7.57 -23.47 -6.10
C TYR E 208 -6.24 -22.91 -6.67
N ASP E 209 -6.21 -22.48 -7.89
CA ASP E 209 -4.95 -22.01 -8.47
C ASP E 209 -4.83 -20.47 -8.42
N PHE E 210 -5.73 -19.80 -7.67
CA PHE E 210 -5.75 -18.36 -7.54
C PHE E 210 -4.45 -17.92 -6.94
N GLY E 211 -3.74 -17.03 -7.62
CA GLY E 211 -2.46 -16.53 -7.17
C GLY E 211 -2.44 -15.10 -6.68
N GLY E 212 -3.57 -14.40 -6.84
CA GLY E 212 -3.76 -13.00 -6.46
C GLY E 212 -3.82 -12.68 -4.97
N ASP E 213 -4.22 -11.44 -4.69
CA ASP E 213 -4.32 -10.82 -3.35
C ASP E 213 -5.66 -11.00 -2.69
N VAL E 214 -5.68 -10.94 -1.32
CA VAL E 214 -6.93 -10.96 -0.51
C VAL E 214 -7.84 -9.76 -0.84
N ASN E 215 -7.31 -8.71 -1.49
CA ASN E 215 -8.12 -7.56 -1.91
C ASN E 215 -9.31 -7.97 -2.76
N VAL E 216 -9.27 -9.09 -3.49
CA VAL E 216 -10.44 -9.52 -4.31
C VAL E 216 -11.63 -9.84 -3.39
N VAL E 217 -11.36 -10.40 -2.18
CA VAL E 217 -12.35 -10.68 -1.15
C VAL E 217 -12.95 -9.34 -0.67
N GLU E 218 -12.13 -8.29 -0.50
CA GLU E 218 -12.58 -6.96 -0.06
C GLU E 218 -13.54 -6.38 -1.10
N SER E 219 -13.16 -6.53 -2.39
CA SER E 219 -13.96 -6.10 -3.53
C SER E 219 -15.31 -6.81 -3.54
N TYR E 220 -15.33 -8.16 -3.41
CA TYR E 220 -16.57 -8.93 -3.49
C TYR E 220 -17.42 -8.77 -2.26
N VAL E 221 -16.83 -8.47 -1.10
CA VAL E 221 -17.60 -8.13 0.13
C VAL E 221 -18.31 -6.74 -0.07
N SER E 222 -17.66 -5.81 -0.79
CA SER E 222 -18.18 -4.48 -1.08
C SER E 222 -19.39 -4.58 -2.04
N TYR E 223 -19.29 -5.45 -3.05
CA TYR E 223 -20.39 -5.67 -4.00
C TYR E 223 -21.56 -6.27 -3.27
N LEU E 224 -21.32 -7.30 -2.49
CA LEU E 224 -22.36 -7.95 -1.67
C LEU E 224 -23.01 -6.93 -0.74
N ARG E 225 -22.23 -6.04 -0.10
CA ARG E 225 -22.85 -5.09 0.78
C ARG E 225 -23.78 -4.14 0.02
N ARG E 226 -23.38 -3.66 -1.18
CA ARG E 226 -24.22 -2.80 -1.98
C ARG E 226 -25.46 -3.52 -2.61
N LYS E 227 -25.44 -4.85 -2.70
CA LYS E 227 -26.55 -5.68 -3.26
C LYS E 227 -27.46 -6.35 -2.21
N ILE E 228 -26.89 -6.97 -1.18
CA ILE E 228 -27.70 -7.70 -0.20
C ILE E 228 -27.56 -7.20 1.24
N ASP E 229 -26.80 -6.13 1.49
CA ASP E 229 -26.65 -5.67 2.88
C ASP E 229 -26.76 -4.14 2.98
N THR E 230 -27.87 -3.65 2.48
CA THR E 230 -28.17 -2.22 2.46
C THR E 230 -29.60 -2.11 2.92
N GLY E 231 -29.72 -2.07 4.22
CA GLY E 231 -30.95 -1.93 4.98
C GLY E 231 -30.65 -1.29 6.33
N GLU E 232 -31.57 -1.47 7.29
CA GLU E 232 -31.51 -0.92 8.63
C GLU E 232 -30.48 -1.58 9.54
N LYS E 233 -30.09 -2.83 9.21
CA LYS E 233 -29.11 -3.67 9.94
C LYS E 233 -27.93 -4.04 9.07
N ARG E 234 -26.70 -3.99 9.65
CA ARG E 234 -25.47 -4.47 9.02
C ARG E 234 -25.49 -5.97 9.32
N LEU E 235 -25.54 -6.80 8.29
CA LEU E 235 -25.56 -8.24 8.47
C LEU E 235 -24.16 -8.80 8.23
N LEU E 236 -23.40 -8.14 7.35
CA LEU E 236 -22.06 -8.54 6.98
C LEU E 236 -21.06 -7.61 7.62
N HIS E 237 -20.55 -8.04 8.77
CA HIS E 237 -19.64 -7.29 9.64
C HIS E 237 -18.13 -7.48 9.35
N THR E 238 -17.33 -6.40 9.53
CA THR E 238 -15.88 -6.40 9.45
C THR E 238 -15.40 -6.36 10.89
N LEU E 239 -14.61 -7.38 11.27
CA LEU E 239 -13.97 -7.43 12.60
C LEU E 239 -12.51 -7.18 12.27
N ARG E 240 -12.11 -5.93 12.35
CA ARG E 240 -10.76 -5.48 11.95
C ARG E 240 -9.66 -6.35 12.58
N GLY E 241 -8.87 -6.95 11.72
CA GLY E 241 -7.75 -7.80 12.04
C GLY E 241 -8.04 -9.27 12.23
N VAL E 242 -9.33 -9.68 12.02
CA VAL E 242 -9.85 -11.03 12.32
C VAL E 242 -10.50 -11.64 11.13
N GLY E 243 -11.46 -10.93 10.54
CA GLY E 243 -12.18 -11.41 9.38
C GLY E 243 -13.55 -10.81 9.24
N TYR E 244 -14.40 -11.49 8.46
CA TYR E 244 -15.79 -11.13 8.21
C TYR E 244 -16.70 -12.14 8.89
N VAL E 245 -17.88 -11.69 9.26
CA VAL E 245 -18.90 -12.53 9.88
C VAL E 245 -20.28 -12.06 9.42
N LEU E 246 -21.10 -13.03 9.01
CA LEU E 246 -22.52 -12.79 8.69
C LEU E 246 -23.29 -13.10 10.00
N ARG E 247 -23.86 -12.06 10.61
CA ARG E 247 -24.63 -12.13 11.85
C ARG E 247 -25.58 -10.98 11.98
N GLU E 248 -26.60 -11.19 12.80
CA GLU E 248 -27.57 -10.16 13.13
C GLU E 248 -26.89 -9.20 14.13
N PRO E 249 -27.00 -7.86 13.99
CA PRO E 249 -26.38 -7.01 15.02
C PRO E 249 -26.97 -7.29 16.42
N ARG E 250 -26.19 -7.11 17.46
CA ARG E 250 -26.65 -7.33 18.85
C ARG E 250 -27.84 -6.39 19.27
N PRO F 22 -2.78 -34.92 29.74
CA PRO F 22 -2.31 -33.68 29.10
C PRO F 22 -3.38 -33.05 28.21
N GLU F 23 -3.12 -31.81 27.78
CA GLU F 23 -4.00 -31.05 26.91
C GLU F 23 -4.02 -31.64 25.50
N ALA F 24 -2.81 -31.86 24.91
CA ALA F 24 -2.60 -32.43 23.57
C ALA F 24 -1.14 -32.72 23.35
N ARG F 25 -0.81 -33.57 22.36
CA ARG F 25 0.56 -33.88 22.01
C ARG F 25 0.85 -33.16 20.69
N VAL F 26 1.87 -32.29 20.72
CA VAL F 26 2.14 -31.36 19.61
C VAL F 26 3.54 -31.51 19.02
N LEU F 27 3.63 -31.56 17.69
CA LEU F 27 4.90 -31.63 16.98
C LEU F 27 5.35 -30.26 16.46
N VAL F 28 6.47 -29.77 16.98
CA VAL F 28 7.08 -28.50 16.59
C VAL F 28 8.25 -28.71 15.63
N VAL F 29 8.14 -28.12 14.40
CA VAL F 29 9.12 -28.21 13.30
C VAL F 29 9.59 -26.83 12.77
N ASP F 30 10.91 -26.55 12.87
CA ASP F 30 11.52 -25.32 12.37
C ASP F 30 13.01 -25.57 12.21
N ASP F 31 13.66 -24.96 11.20
CA ASP F 31 15.10 -25.14 10.96
C ASP F 31 15.97 -24.45 12.03
N GLU F 32 15.33 -23.60 12.88
CA GLU F 32 16.00 -22.88 13.96
C GLU F 32 15.72 -23.43 15.37
N ALA F 33 16.76 -24.01 16.00
CA ALA F 33 16.74 -24.57 17.36
C ALA F 33 16.18 -23.58 18.41
N ASN F 34 16.54 -22.28 18.33
CA ASN F 34 15.99 -21.24 19.24
C ASN F 34 14.48 -21.10 19.12
N ILE F 35 13.92 -21.12 17.89
CA ILE F 35 12.47 -21.06 17.66
C ILE F 35 11.82 -22.33 18.29
N VAL F 36 12.41 -23.49 17.97
CA VAL F 36 11.92 -24.78 18.42
C VAL F 36 11.94 -24.82 19.96
N GLU F 37 13.03 -24.35 20.60
CA GLU F 37 13.14 -24.32 22.06
C GLU F 37 12.17 -23.34 22.69
N LEU F 38 12.12 -22.08 22.20
CA LEU F 38 11.17 -21.07 22.63
C LEU F 38 9.75 -21.66 22.62
N LEU F 39 9.36 -22.30 21.47
CA LEU F 39 8.03 -22.92 21.33
C LEU F 39 7.82 -24.10 22.27
N SER F 40 8.84 -24.96 22.43
CA SER F 40 8.79 -26.15 23.29
C SER F 40 8.55 -25.79 24.76
N VAL F 41 9.41 -24.94 25.32
CA VAL F 41 9.35 -24.46 26.68
C VAL F 41 7.97 -23.86 27.03
N SER F 42 7.42 -22.96 26.14
CA SER F 42 6.12 -22.32 26.34
C SER F 42 5.00 -23.36 26.33
N LEU F 43 4.96 -24.21 25.28
CA LEU F 43 3.93 -25.22 25.16
C LEU F 43 3.97 -26.25 26.30
N LYS F 44 5.17 -26.75 26.70
CA LYS F 44 5.30 -27.69 27.82
C LYS F 44 4.73 -27.04 29.08
N PHE F 45 5.08 -25.77 29.34
CA PHE F 45 4.54 -25.01 30.47
C PHE F 45 3.00 -24.75 30.37
N GLN F 46 2.41 -24.81 29.18
CA GLN F 46 0.97 -24.68 29.00
C GLN F 46 0.21 -25.99 29.26
N GLY F 47 0.96 -27.09 29.45
CA GLY F 47 0.40 -28.40 29.77
C GLY F 47 0.28 -29.34 28.60
N PHE F 48 1.00 -29.04 27.51
CA PHE F 48 1.04 -29.88 26.32
C PHE F 48 2.24 -30.86 26.40
N GLU F 49 2.21 -31.90 25.56
CA GLU F 49 3.34 -32.82 25.40
C GLU F 49 3.92 -32.35 24.08
N VAL F 50 5.23 -32.11 24.03
CA VAL F 50 5.86 -31.52 22.85
C VAL F 50 6.96 -32.40 22.30
N TYR F 51 6.96 -32.60 20.98
CA TYR F 51 7.99 -33.34 20.26
C TYR F 51 8.55 -32.33 19.30
N THR F 52 9.85 -32.40 19.05
CA THR F 52 10.49 -31.39 18.22
C THR F 52 11.28 -31.95 17.05
N ALA F 53 11.45 -31.11 16.00
CA ALA F 53 12.23 -31.46 14.81
C ALA F 53 12.83 -30.20 14.14
N THR F 54 14.08 -30.31 13.61
CA THR F 54 14.80 -29.20 12.99
C THR F 54 14.92 -29.29 11.47
N ASN F 55 14.32 -30.32 10.87
CA ASN F 55 14.28 -30.57 9.42
C ASN F 55 13.13 -31.53 9.16
N GLY F 56 12.81 -31.74 7.89
CA GLY F 56 11.73 -32.61 7.43
C GLY F 56 11.91 -34.09 7.70
N ALA F 57 13.16 -34.57 7.60
CA ALA F 57 13.52 -35.96 7.86
C ALA F 57 13.18 -36.40 9.30
N GLN F 58 13.58 -35.59 10.29
CA GLN F 58 13.30 -35.90 11.69
C GLN F 58 11.82 -35.74 12.02
N ALA F 59 11.10 -34.80 11.37
CA ALA F 59 9.67 -34.57 11.62
C ALA F 59 8.88 -35.80 11.15
N LEU F 60 9.20 -36.29 9.96
CA LEU F 60 8.63 -37.51 9.40
C LEU F 60 8.91 -38.71 10.33
N ASP F 61 10.15 -38.87 10.84
CA ASP F 61 10.47 -39.96 11.75
C ASP F 61 9.76 -39.86 13.11
N ARG F 62 9.74 -38.68 13.74
CA ARG F 62 9.07 -38.51 15.04
C ARG F 62 7.60 -38.80 14.91
N ALA F 63 6.92 -38.18 13.92
CA ALA F 63 5.48 -38.31 13.66
C ALA F 63 5.01 -39.73 13.53
N ARG F 64 5.82 -40.59 12.90
CA ARG F 64 5.52 -41.99 12.71
C ARG F 64 5.55 -42.78 14.02
N GLU F 65 6.37 -42.35 15.01
CA GLU F 65 6.52 -43.01 16.30
C GLU F 65 5.48 -42.56 17.34
N THR F 66 5.04 -41.31 17.25
CA THR F 66 4.19 -40.62 18.22
C THR F 66 2.75 -40.31 17.83
N ARG F 67 2.50 -40.01 16.52
CA ARG F 67 1.21 -39.57 15.96
C ARG F 67 0.76 -38.27 16.65
N PRO F 68 1.22 -37.09 16.19
CA PRO F 68 0.80 -35.84 16.88
C PRO F 68 -0.69 -35.50 16.68
N ASP F 69 -1.28 -34.77 17.63
CA ASP F 69 -2.66 -34.27 17.60
C ASP F 69 -2.70 -32.97 16.76
N ALA F 70 -1.57 -32.27 16.68
CA ALA F 70 -1.41 -31.02 15.92
C ALA F 70 0.08 -30.87 15.55
N VAL F 71 0.39 -30.13 14.49
CA VAL F 71 1.77 -29.91 14.02
C VAL F 71 1.97 -28.42 13.84
N ILE F 72 3.09 -27.89 14.38
CA ILE F 72 3.48 -26.50 14.17
C ILE F 72 4.63 -26.55 13.19
N LEU F 73 4.41 -26.02 11.98
CA LEU F 73 5.32 -26.14 10.85
C LEU F 73 5.90 -24.85 10.29
N ASP F 74 7.24 -24.75 10.29
CA ASP F 74 7.87 -23.61 9.65
C ASP F 74 7.81 -23.79 8.14
N VAL F 75 7.17 -22.82 7.45
CA VAL F 75 7.00 -22.86 5.99
C VAL F 75 8.37 -22.84 5.28
N MET F 76 9.17 -21.78 5.49
CA MET F 76 10.47 -21.59 4.85
C MET F 76 11.59 -22.35 5.56
N MET F 77 11.99 -23.52 5.02
CA MET F 77 13.05 -24.38 5.55
C MET F 77 14.01 -24.79 4.42
N PRO F 78 15.32 -25.04 4.69
CA PRO F 78 16.21 -25.49 3.60
C PRO F 78 15.95 -26.95 3.25
N GLY F 79 16.20 -27.30 1.98
CA GLY F 79 15.96 -28.63 1.44
C GLY F 79 14.46 -28.92 1.36
N MET F 80 13.94 -29.63 2.37
CA MET F 80 12.53 -29.98 2.48
C MET F 80 11.79 -28.90 3.28
N ASP F 81 10.98 -28.06 2.59
CA ASP F 81 10.19 -26.98 3.21
C ASP F 81 8.96 -27.55 3.96
N GLY F 82 8.20 -26.67 4.63
CA GLY F 82 7.03 -26.99 5.44
C GLY F 82 5.95 -27.79 4.73
N PHE F 83 5.62 -27.40 3.48
CA PHE F 83 4.60 -28.06 2.67
C PHE F 83 5.00 -29.48 2.27
N GLY F 84 6.27 -29.66 1.92
CA GLY F 84 6.86 -30.94 1.55
C GLY F 84 6.85 -31.93 2.70
N VAL F 85 6.91 -31.41 3.94
CA VAL F 85 6.85 -32.18 5.18
C VAL F 85 5.42 -32.72 5.37
N LEU F 86 4.40 -31.80 5.31
CA LEU F 86 2.99 -32.10 5.49
C LEU F 86 2.45 -33.02 4.40
N ARG F 87 2.86 -32.81 3.13
CA ARG F 87 2.51 -33.64 1.99
C ARG F 87 2.87 -35.09 2.31
N ARG F 88 4.09 -35.28 2.88
CA ARG F 88 4.64 -36.57 3.27
C ARG F 88 3.91 -37.17 4.48
N LEU F 89 3.49 -36.31 5.43
CA LEU F 89 2.78 -36.72 6.65
C LEU F 89 1.39 -37.27 6.35
N ARG F 90 0.67 -36.46 5.57
CA ARG F 90 -0.69 -36.74 5.16
C ARG F 90 -0.78 -37.95 4.22
N ALA F 91 0.32 -38.28 3.50
CA ALA F 91 0.38 -39.46 2.64
C ALA F 91 0.52 -40.73 3.50
N ASP F 92 1.04 -40.60 4.76
CA ASP F 92 1.16 -41.71 5.70
C ASP F 92 -0.12 -41.96 6.51
N GLY F 93 -1.12 -41.07 6.34
CA GLY F 93 -2.38 -41.17 7.08
C GLY F 93 -2.40 -40.29 8.32
N ILE F 94 -1.31 -39.54 8.57
CA ILE F 94 -1.24 -38.62 9.71
C ILE F 94 -2.04 -37.37 9.33
N ASP F 95 -3.30 -37.30 9.83
CA ASP F 95 -4.30 -36.26 9.53
C ASP F 95 -4.43 -35.18 10.60
N ALA F 96 -3.35 -34.89 11.31
CA ALA F 96 -3.32 -33.87 12.35
C ALA F 96 -3.42 -32.47 11.72
N PRO F 97 -4.21 -31.51 12.26
CA PRO F 97 -4.21 -30.14 11.71
C PRO F 97 -2.84 -29.46 11.82
N ALA F 98 -2.56 -28.53 10.90
CA ALA F 98 -1.29 -27.81 10.94
C ALA F 98 -1.43 -26.33 11.23
N LEU F 99 -0.47 -25.83 12.00
CA LEU F 99 -0.36 -24.43 12.27
C LEU F 99 0.92 -24.02 11.54
N PHE F 100 0.78 -23.43 10.37
CA PHE F 100 1.93 -22.99 9.58
C PHE F 100 2.55 -21.73 10.10
N LEU F 101 3.88 -21.61 10.00
CA LEU F 101 4.69 -20.45 10.40
C LEU F 101 5.26 -19.86 9.14
N THR F 102 4.62 -18.80 8.71
CA THR F 102 4.91 -18.11 7.45
C THR F 102 5.61 -16.80 7.73
N ALA F 103 6.30 -16.22 6.75
CA ALA F 103 6.97 -14.93 6.96
C ALA F 103 6.20 -13.85 6.19
N ARG F 104 6.89 -12.77 5.74
CA ARG F 104 6.32 -11.68 4.94
C ARG F 104 7.44 -10.90 4.23
N ALA F 112 -0.76 -20.12 -0.32
CA ALA F 112 -1.28 -21.18 -1.20
C ALA F 112 -1.70 -22.44 -0.42
N GLY F 113 -2.93 -22.40 0.13
CA GLY F 113 -3.57 -23.46 0.89
C GLY F 113 -3.20 -23.51 2.37
N LEU F 114 -3.26 -22.40 3.07
CA LEU F 114 -2.88 -22.41 4.48
C LEU F 114 -4.04 -22.67 5.44
N THR F 115 -5.29 -22.61 4.96
CA THR F 115 -6.49 -22.71 5.81
C THR F 115 -7.39 -23.89 5.50
N LEU F 116 -6.93 -24.79 4.66
CA LEU F 116 -7.67 -25.99 4.25
C LEU F 116 -7.91 -26.94 5.40
N GLY F 117 -9.11 -27.52 5.42
CA GLY F 117 -9.56 -28.42 6.45
C GLY F 117 -9.54 -27.71 7.79
N GLY F 118 -8.78 -28.26 8.72
CA GLY F 118 -8.65 -27.64 10.03
C GLY F 118 -7.38 -26.84 10.28
N ASP F 119 -6.55 -26.56 9.22
CA ASP F 119 -5.27 -25.86 9.30
C ASP F 119 -5.45 -24.40 9.54
N ASP F 120 -4.32 -23.72 9.82
CA ASP F 120 -4.23 -22.29 10.08
C ASP F 120 -2.80 -21.82 9.95
N TYR F 121 -2.58 -20.50 9.96
CA TYR F 121 -1.24 -19.96 9.89
C TYR F 121 -1.00 -18.78 10.88
N VAL F 122 0.26 -18.49 11.16
CA VAL F 122 0.74 -17.36 11.99
C VAL F 122 1.94 -16.78 11.23
N THR F 123 1.99 -15.47 11.11
CA THR F 123 3.14 -14.88 10.43
C THR F 123 4.23 -14.60 11.47
N LYS F 124 5.49 -14.89 11.10
CA LYS F 124 6.68 -14.68 11.90
C LYS F 124 7.13 -13.23 11.66
N PRO F 125 7.61 -12.51 12.70
CA PRO F 125 7.69 -12.93 14.12
C PRO F 125 6.31 -12.89 14.79
N PHE F 126 6.08 -13.82 15.71
CA PHE F 126 4.80 -13.92 16.39
C PHE F 126 5.00 -13.77 17.90
N SER F 127 3.91 -13.56 18.63
CA SER F 127 3.97 -13.58 20.07
C SER F 127 3.58 -15.02 20.51
N LEU F 128 4.05 -15.42 21.69
CA LEU F 128 3.73 -16.72 22.29
C LEU F 128 2.26 -16.79 22.63
N GLU F 129 1.64 -15.66 23.05
CA GLU F 129 0.21 -15.64 23.32
C GLU F 129 -0.57 -15.98 22.05
N GLU F 130 -0.18 -15.35 20.92
CA GLU F 130 -0.81 -15.57 19.61
C GLU F 130 -0.70 -17.01 19.15
N VAL F 131 0.51 -17.56 19.18
CA VAL F 131 0.81 -18.90 18.68
C VAL F 131 0.02 -19.97 19.48
N VAL F 132 -0.11 -19.83 20.83
CA VAL F 132 -0.83 -20.77 21.71
C VAL F 132 -2.37 -20.64 21.52
N ALA F 133 -2.89 -19.42 21.35
CA ALA F 133 -4.32 -19.22 21.08
C ALA F 133 -4.69 -19.86 19.72
N ARG F 134 -3.87 -19.62 18.68
CA ARG F 134 -4.15 -20.20 17.35
C ARG F 134 -4.05 -21.71 17.37
N LEU F 135 -3.13 -22.27 18.17
CA LEU F 135 -2.99 -23.71 18.32
C LEU F 135 -4.23 -24.29 19.03
N ARG F 136 -4.72 -23.61 20.09
CA ARG F 136 -5.88 -24.12 20.81
C ARG F 136 -7.16 -24.19 19.96
N VAL F 137 -7.29 -23.26 19.00
CA VAL F 137 -8.41 -23.21 18.08
C VAL F 137 -8.35 -24.37 17.07
N ILE F 138 -7.15 -24.68 16.53
CA ILE F 138 -7.02 -25.78 15.59
C ILE F 138 -7.31 -27.08 16.31
N LEU F 139 -6.98 -27.17 17.61
CA LEU F 139 -7.28 -28.39 18.39
C LEU F 139 -8.78 -28.54 18.66
N ARG F 140 -9.44 -27.43 19.03
CA ARG F 140 -10.87 -27.35 19.29
C ARG F 140 -11.69 -27.70 18.01
N ARG F 141 -11.33 -27.09 16.84
CA ARG F 141 -11.95 -27.29 15.52
C ARG F 141 -11.85 -28.75 15.02
N ALA F 142 -10.86 -29.51 15.54
CA ALA F 142 -10.59 -30.90 15.18
C ALA F 142 -11.02 -31.94 16.25
N GLY F 143 -11.37 -31.48 17.46
CA GLY F 143 -11.76 -32.34 18.58
C GLY F 143 -10.61 -33.11 19.21
N VAL F 152 -16.03 -19.68 24.46
CA VAL F 152 -16.78 -18.89 25.44
C VAL F 152 -16.24 -17.43 25.53
N ARG F 153 -16.86 -16.65 26.43
CA ARG F 153 -16.50 -15.26 26.64
C ARG F 153 -15.79 -15.12 27.96
N LEU F 154 -14.53 -14.63 27.91
CA LEU F 154 -13.71 -14.42 29.10
C LEU F 154 -14.17 -13.20 29.85
N THR F 155 -14.17 -13.33 31.19
CA THR F 155 -14.66 -12.34 32.12
C THR F 155 -13.74 -12.12 33.32
N PHE F 156 -13.79 -10.89 33.81
CA PHE F 156 -13.14 -10.40 35.00
C PHE F 156 -13.87 -9.13 35.34
N ALA F 157 -14.55 -9.11 36.52
CA ALA F 157 -15.36 -8.01 37.03
C ALA F 157 -16.42 -7.64 35.97
N ASP F 158 -16.52 -6.35 35.57
CA ASP F 158 -17.48 -5.87 34.57
C ASP F 158 -16.91 -5.87 33.13
N ILE F 159 -15.68 -6.42 32.96
CA ILE F 159 -14.94 -6.59 31.71
C ILE F 159 -15.28 -7.94 31.06
N GLU F 160 -15.59 -7.92 29.72
CA GLU F 160 -15.89 -9.09 28.91
C GLU F 160 -15.16 -9.07 27.56
N LEU F 161 -14.57 -10.22 27.16
CA LEU F 161 -13.77 -10.46 25.93
C LEU F 161 -14.38 -11.61 25.14
N ASP F 162 -14.39 -11.53 23.80
CA ASP F 162 -14.85 -12.63 22.94
C ASP F 162 -13.62 -13.12 22.20
N GLU F 163 -13.18 -14.35 22.50
CA GLU F 163 -11.94 -14.90 21.94
C GLU F 163 -11.95 -15.10 20.44
N GLU F 164 -13.08 -15.46 19.85
CA GLU F 164 -13.20 -15.65 18.40
C GLU F 164 -13.25 -14.27 17.67
N THR F 165 -14.10 -13.35 18.12
CA THR F 165 -14.30 -12.07 17.44
C THR F 165 -13.34 -10.98 17.85
N HIS F 166 -12.77 -11.09 19.08
CA HIS F 166 -11.88 -10.10 19.69
C HIS F 166 -12.69 -8.88 20.14
N GLU F 167 -14.01 -9.08 20.37
CA GLU F 167 -14.86 -8.01 20.89
C GLU F 167 -14.68 -7.94 22.40
N VAL F 168 -14.87 -6.74 22.95
CA VAL F 168 -14.67 -6.41 24.34
C VAL F 168 -15.84 -5.49 24.78
N TRP F 169 -16.30 -5.67 26.04
CA TRP F 169 -17.32 -4.84 26.67
C TRP F 169 -16.87 -4.49 28.11
N LYS F 170 -17.11 -3.22 28.50
CA LYS F 170 -16.85 -2.69 29.85
C LYS F 170 -18.23 -2.27 30.36
N ALA F 171 -18.76 -3.04 31.34
CA ALA F 171 -20.08 -2.85 31.94
C ALA F 171 -21.17 -2.78 30.85
N GLY F 172 -21.02 -3.66 29.85
CA GLY F 172 -21.93 -3.79 28.72
C GLY F 172 -21.79 -2.73 27.65
N GLN F 173 -20.68 -1.99 27.66
CA GLN F 173 -20.43 -0.96 26.67
C GLN F 173 -19.37 -1.48 25.69
N PRO F 174 -19.69 -1.62 24.38
CA PRO F 174 -18.67 -2.13 23.46
C PRO F 174 -17.45 -1.20 23.47
N VAL F 175 -16.26 -1.76 23.64
CA VAL F 175 -14.98 -1.08 23.69
C VAL F 175 -14.12 -1.61 22.52
N SER F 176 -13.49 -0.72 21.75
CA SER F 176 -12.65 -1.19 20.66
C SER F 176 -11.18 -1.26 21.08
N LEU F 177 -10.54 -2.42 20.91
CA LEU F 177 -9.13 -2.64 21.24
C LEU F 177 -8.31 -3.03 20.00
N SER F 178 -7.09 -2.53 19.90
CA SER F 178 -6.16 -2.88 18.85
C SER F 178 -5.68 -4.35 19.11
N PRO F 179 -5.03 -5.04 18.11
CA PRO F 179 -4.51 -6.41 18.37
C PRO F 179 -3.57 -6.56 19.58
N THR F 180 -2.63 -5.62 19.80
CA THR F 180 -1.74 -5.67 20.96
C THR F 180 -2.51 -5.34 22.25
N GLU F 181 -3.49 -4.43 22.20
CA GLU F 181 -4.28 -4.12 23.39
C GLU F 181 -5.09 -5.38 23.86
N PHE F 182 -5.69 -6.11 22.90
CA PHE F 182 -6.48 -7.31 23.13
C PHE F 182 -5.64 -8.44 23.69
N THR F 183 -4.49 -8.71 23.07
CA THR F 183 -3.53 -9.74 23.51
C THR F 183 -3.14 -9.41 24.99
N LEU F 184 -2.76 -8.16 25.26
CA LEU F 184 -2.41 -7.73 26.61
C LEU F 184 -3.56 -7.91 27.64
N LEU F 185 -4.78 -7.45 27.32
CA LEU F 185 -5.95 -7.60 28.21
C LEU F 185 -6.27 -9.04 28.50
N ARG F 186 -6.33 -9.88 27.43
CA ARG F 186 -6.56 -11.33 27.55
C ARG F 186 -5.51 -11.93 28.52
N TYR F 187 -4.24 -11.58 28.34
CA TYR F 187 -3.14 -12.07 29.18
C TYR F 187 -3.36 -11.73 30.67
N PHE F 188 -3.78 -10.50 30.94
CA PHE F 188 -4.08 -10.00 32.29
C PHE F 188 -5.30 -10.69 32.90
N VAL F 189 -6.35 -10.94 32.08
CA VAL F 189 -7.61 -11.59 32.51
C VAL F 189 -7.35 -13.04 32.89
N ILE F 190 -6.62 -13.74 32.03
CA ILE F 190 -6.24 -15.14 32.22
C ILE F 190 -5.33 -15.26 33.44
N ASN F 191 -4.40 -14.29 33.62
CA ASN F 191 -3.48 -14.27 34.77
C ASN F 191 -3.92 -13.24 35.86
N ALA F 192 -5.26 -13.11 36.11
CA ALA F 192 -5.84 -12.26 37.15
C ALA F 192 -5.32 -12.69 38.52
N GLY F 193 -4.87 -11.71 39.31
CA GLY F 193 -4.33 -11.93 40.64
C GLY F 193 -2.82 -12.08 40.68
N THR F 194 -2.23 -12.39 39.53
CA THR F 194 -0.78 -12.53 39.41
C THR F 194 -0.14 -11.20 38.95
N VAL F 195 0.92 -10.80 39.67
CA VAL F 195 1.73 -9.62 39.39
C VAL F 195 2.71 -9.99 38.27
N LEU F 196 2.67 -9.22 37.19
CA LEU F 196 3.45 -9.45 35.99
C LEU F 196 4.43 -8.31 35.71
N SER F 197 5.74 -8.63 35.67
CA SER F 197 6.77 -7.65 35.35
C SER F 197 6.69 -7.25 33.86
N LYS F 198 7.20 -6.07 33.51
CA LYS F 198 7.29 -5.59 32.13
C LYS F 198 8.11 -6.57 31.27
N PRO F 199 9.29 -7.07 31.72
CA PRO F 199 10.00 -8.10 30.93
C PRO F 199 9.20 -9.39 30.70
N LYS F 200 8.42 -9.87 31.73
CA LYS F 200 7.54 -11.05 31.61
C LYS F 200 6.42 -10.79 30.59
N ILE F 201 5.77 -9.61 30.67
CA ILE F 201 4.71 -9.22 29.73
C ILE F 201 5.28 -9.22 28.30
N LEU F 202 6.40 -8.52 28.05
CA LEU F 202 7.09 -8.44 26.76
C LEU F 202 7.37 -9.83 26.18
N ASP F 203 7.79 -10.77 27.05
CA ASP F 203 8.09 -12.14 26.67
C ASP F 203 6.89 -12.92 26.16
N HIS F 204 5.73 -12.74 26.76
CA HIS F 204 4.55 -13.47 26.35
C HIS F 204 3.67 -12.73 25.35
N VAL F 205 3.49 -11.42 25.53
CA VAL F 205 2.56 -10.57 24.75
C VAL F 205 3.18 -9.96 23.50
N TRP F 206 4.44 -9.53 23.53
CA TRP F 206 5.08 -8.96 22.33
C TRP F 206 5.75 -10.00 21.43
N ARG F 207 5.93 -9.65 20.11
CA ARG F 207 6.62 -10.47 19.09
C ARG F 207 7.93 -11.00 19.71
N TYR F 208 8.28 -12.27 19.52
CA TYR F 208 9.47 -12.86 20.15
C TYR F 208 10.80 -12.12 19.87
N ASP F 209 10.88 -11.41 18.73
CA ASP F 209 12.08 -10.69 18.26
C ASP F 209 12.16 -9.23 18.73
N PHE F 210 11.13 -8.75 19.46
CA PHE F 210 11.09 -7.37 20.00
C PHE F 210 12.33 -7.05 20.88
N GLY F 211 13.04 -5.99 20.47
CA GLY F 211 14.25 -5.52 21.15
C GLY F 211 14.14 -4.16 21.82
N GLY F 212 13.04 -3.45 21.57
CA GLY F 212 12.77 -2.13 22.14
C GLY F 212 12.64 -2.10 23.66
N ASP F 213 12.39 -0.92 24.21
CA ASP F 213 12.28 -0.68 25.66
C ASP F 213 10.93 -1.15 26.26
N VAL F 214 10.97 -1.52 27.55
CA VAL F 214 9.82 -1.94 28.37
C VAL F 214 8.75 -0.82 28.47
N ASN F 215 9.10 0.43 28.03
CA ASN F 215 8.17 1.56 28.05
C ASN F 215 6.93 1.26 27.22
N VAL F 216 7.06 0.37 26.21
CA VAL F 216 5.94 -0.04 25.35
C VAL F 216 4.80 -0.66 26.17
N VAL F 217 5.14 -1.48 27.16
CA VAL F 217 4.18 -2.08 28.09
C VAL F 217 3.47 -0.96 28.87
N GLU F 218 4.22 0.05 29.37
CA GLU F 218 3.69 1.17 30.13
C GLU F 218 2.64 1.89 29.30
N SER F 219 3.00 2.21 28.04
CA SER F 219 2.15 2.86 27.04
C SER F 219 0.86 2.04 26.83
N TYR F 220 0.98 0.68 26.62
CA TYR F 220 -0.20 -0.15 26.35
C TYR F 220 -1.06 -0.38 27.58
N VAL F 221 -0.48 -0.35 28.75
CA VAL F 221 -1.20 -0.44 30.03
C VAL F 221 -2.01 0.88 30.24
N SER F 222 -1.43 2.03 29.84
CA SER F 222 -2.06 3.35 29.87
C SER F 222 -3.27 3.35 28.91
N TYR F 223 -3.14 2.71 27.72
CA TYR F 223 -4.21 2.60 26.72
C TYR F 223 -5.35 1.79 27.28
N LEU F 224 -5.03 0.63 27.81
CA LEU F 224 -5.93 -0.32 28.44
C LEU F 224 -6.70 0.34 29.58
N ARG F 225 -6.00 1.12 30.43
CA ARG F 225 -6.59 1.85 31.54
C ARG F 225 -7.62 2.85 31.08
N ARG F 226 -7.33 3.66 30.03
CA ARG F 226 -8.30 4.67 29.57
C ARG F 226 -9.46 4.03 28.77
N LYS F 227 -9.36 2.75 28.37
CA LYS F 227 -10.44 2.09 27.65
C LYS F 227 -11.32 1.19 28.53
N ILE F 228 -10.71 0.35 29.41
CA ILE F 228 -11.43 -0.60 30.28
C ILE F 228 -11.26 -0.37 31.82
N ASP F 229 -10.37 0.52 32.27
CA ASP F 229 -10.21 0.79 33.73
C ASP F 229 -10.67 2.23 33.98
N THR F 230 -11.91 2.44 33.60
CA THR F 230 -12.60 3.71 33.51
C THR F 230 -13.65 3.93 34.64
N GLY F 231 -13.95 2.87 35.38
CA GLY F 231 -14.92 2.89 36.47
C GLY F 231 -14.41 3.46 37.78
N GLU F 232 -15.31 3.48 38.80
CA GLU F 232 -15.05 3.98 40.15
C GLU F 232 -14.04 3.10 40.92
N LYS F 233 -14.01 1.78 40.63
CA LYS F 233 -13.07 0.85 41.25
C LYS F 233 -11.98 0.46 40.24
N ARG F 234 -10.70 0.77 40.55
CA ARG F 234 -9.55 0.46 39.70
C ARG F 234 -9.37 -1.07 39.65
N LEU F 235 -9.06 -1.62 38.49
CA LEU F 235 -8.87 -3.07 38.33
C LEU F 235 -7.43 -3.45 37.98
N LEU F 236 -6.73 -2.59 37.24
CA LEU F 236 -5.37 -2.74 36.81
C LEU F 236 -4.45 -1.85 37.69
N HIS F 237 -3.64 -2.50 38.52
CA HIS F 237 -2.77 -1.85 39.52
C HIS F 237 -1.28 -1.98 39.25
N THR F 238 -0.51 -0.94 39.66
CA THR F 238 0.94 -0.92 39.56
C THR F 238 1.49 -1.21 40.94
N LEU F 239 2.44 -2.15 41.01
CA LEU F 239 3.17 -2.45 42.22
C LEU F 239 4.62 -2.15 41.87
N ARG F 240 5.04 -0.92 42.21
CA ARG F 240 6.35 -0.33 41.95
C ARG F 240 7.54 -1.29 42.18
N GLY F 241 8.27 -1.57 41.09
CA GLY F 241 9.43 -2.46 41.11
C GLY F 241 9.10 -3.94 41.03
N VAL F 242 7.81 -4.28 40.85
CA VAL F 242 7.37 -5.67 40.79
C VAL F 242 6.67 -5.94 39.44
N GLY F 243 5.78 -5.04 39.03
CA GLY F 243 5.02 -5.13 37.78
C GLY F 243 3.57 -4.68 37.90
N TYR F 244 2.70 -5.23 37.03
CA TYR F 244 1.26 -4.91 36.99
C TYR F 244 0.38 -6.09 37.40
N VAL F 245 -0.73 -5.79 38.06
CA VAL F 245 -1.68 -6.83 38.48
C VAL F 245 -3.12 -6.44 38.09
N LEU F 246 -3.88 -7.43 37.64
CA LEU F 246 -5.30 -7.28 37.37
C LEU F 246 -5.99 -7.93 38.56
N ARG F 247 -6.65 -7.13 39.39
CA ARG F 247 -7.32 -7.64 40.59
C ARG F 247 -8.46 -6.74 41.09
N GLU F 248 -9.28 -7.30 42.00
CA GLU F 248 -10.36 -6.57 42.66
C GLU F 248 -9.71 -5.73 43.78
N PRO F 249 -9.99 -4.40 43.84
CA PRO F 249 -9.32 -3.56 44.85
C PRO F 249 -9.69 -3.82 46.33
N ARG F 250 -10.21 -5.01 46.69
CA ARG F 250 -10.59 -5.52 48.03
C ARG F 250 -10.88 -4.40 49.11
CA CA I . 12.96 45.83 2.69
C1 EDO J . 16.26 30.77 -6.74
O1 EDO J . 17.38 30.17 -5.98
C2 EDO J . 14.86 30.72 -5.97
O2 EDO J . 14.08 31.93 -6.08
C1 EDO K . 5.89 51.00 8.12
O1 EDO K . 6.57 49.76 8.40
C2 EDO K . 4.82 51.41 9.20
O2 EDO K . 4.11 52.58 8.81
CA CA L . 7.99 36.31 -25.16
CA CA M . 7.12 19.46 -37.74
C1 EDO N . 5.56 6.20 -41.92
O1 EDO N . 5.24 7.02 -43.05
C2 EDO N . 5.84 4.70 -42.34
O2 EDO N . 6.65 3.92 -41.42
CA CA O . -4.91 -35.33 -14.80
C1 EDO P . -33.39 -13.05 -8.71
O1 EDO P . -34.02 -13.90 -7.73
C2 EDO P . -32.10 -13.62 -9.39
O2 EDO P . -30.99 -13.67 -8.50
AS CAC Q . -39.30 -15.10 -1.67
O1 CAC Q . -40.30 -14.44 -2.83
O2 CAC Q . -38.14 -14.18 -0.91
C1 CAC Q . -38.45 -16.70 -2.39
C2 CAC Q . -40.39 -15.97 -0.29
CA CA R . 12.06 -45.82 15.44
CA CA S . 12.96 -21.19 8.74
#